data_5WHU
#
_entry.id   5WHU
#
_cell.length_a   137.915
_cell.length_b   94.213
_cell.length_c   123.964
_cell.angle_alpha   90.00
_cell.angle_beta   102.60
_cell.angle_gamma   90.00
#
_symmetry.space_group_name_H-M   'C 1 2 1'
#
loop_
_entity.id
_entity.type
_entity.pdbx_description
1 polymer 'ArtB protein'
2 branched 'N-acetyl-alpha-neuraminic acid-(2-3)-beta-D-galactopyranose'
3 branched 'N-acetyl-alpha-neuraminic acid-(2-3)-beta-D-galactopyranose-(1-4)-alpha-D-glucopyranose'
4 non-polymer 'N-acetyl-alpha-neuraminic acid'
5 non-polymer DI(HYDROXYETHYL)ETHER
6 non-polymer 'CHLORIDE ION'
7 non-polymer '2-(N-MORPHOLINO)-ETHANESULFONIC ACID'
8 non-polymer 2-AMINO-2-HYDROXYMETHYL-PROPANE-1,3-DIOL
9 non-polymer 'CALCIUM ION'
10 water water
#
_entity_poly.entity_id   1
_entity_poly.type   'polypeptide(L)'
_entity_poly.pdbx_seq_one_letter_code
;MKNKLKVLALTLASLSSVCYANMADYNTYQSNVQINNLSYGVYRSGDKESQFFCVGLKRGSQVPNVHTICKIDVFGTHKQ
GFDNMLATARYYYATGEDVRIYYKENVWTDRNFTAAFSGNELIAITTCTSSDYCMGPTLPNLEHHHHHH
;
_entity_poly.pdbx_strand_id   A,B,C,D,E,F,G,H,I,J
#
# COMPACT_ATOMS: atom_id res chain seq x y z
N ASN A 22 -29.86 17.99 24.13
CA ASN A 22 -30.44 16.82 23.47
C ASN A 22 -30.97 17.18 22.08
N MET A 23 -30.34 16.65 21.01
CA MET A 23 -30.84 16.86 19.65
C MET A 23 -32.03 15.94 19.36
N ALA A 24 -33.14 16.54 18.91
CA ALA A 24 -34.33 15.79 18.49
C ALA A 24 -34.06 14.84 17.33
N ASP A 25 -34.46 13.59 17.51
CA ASP A 25 -34.30 12.57 16.48
C ASP A 25 -32.94 11.89 16.53
N TYR A 26 -32.11 12.23 17.51
CA TYR A 26 -30.76 11.63 17.63
C TYR A 26 -30.56 10.74 18.86
N ASN A 27 -31.66 10.15 19.33
CA ASN A 27 -31.65 9.37 20.57
C ASN A 27 -31.86 7.88 20.29
N THR A 28 -32.00 7.54 19.01
CA THR A 28 -32.11 6.16 18.57
C THR A 28 -30.99 5.81 17.59
N TYR A 29 -30.01 5.06 18.07
CA TYR A 29 -28.84 4.77 17.26
C TYR A 29 -28.29 3.38 17.55
N GLN A 30 -27.49 2.88 16.62
CA GLN A 30 -26.73 1.67 16.86
C GLN A 30 -25.30 2.02 16.56
N SER A 31 -24.43 1.75 17.55
CA SER A 31 -23.04 2.16 17.50
C SER A 31 -22.15 0.97 17.16
N ASN A 32 -21.00 1.25 16.53
CA ASN A 32 -20.05 0.20 16.16
C ASN A 32 -20.70 -0.92 15.34
N VAL A 33 -21.43 -0.53 14.31
CA VAL A 33 -21.97 -1.47 13.35
C VAL A 33 -21.22 -1.24 12.03
N GLN A 34 -21.47 -2.13 11.06
CA GLN A 34 -20.90 -1.98 9.74
C GLN A 34 -22.00 -2.10 8.68
N ILE A 35 -21.92 -1.29 7.64
CA ILE A 35 -22.82 -1.44 6.51
C ILE A 35 -22.33 -2.58 5.61
N ASN A 36 -23.09 -3.66 5.50
CA ASN A 36 -22.68 -4.78 4.66
C ASN A 36 -23.70 -5.16 3.61
N ASN A 37 -24.70 -4.31 3.42
CA ASN A 37 -25.62 -4.45 2.29
C ASN A 37 -26.17 -3.08 1.94
N LEU A 38 -26.56 -2.93 0.69
CA LEU A 38 -26.98 -1.65 0.17
C LEU A 38 -28.04 -1.89 -0.90
N SER A 39 -29.13 -1.13 -0.86
CA SER A 39 -30.10 -1.12 -1.94
C SER A 39 -30.30 0.31 -2.43
N TYR A 40 -30.40 0.49 -3.73
CA TYR A 40 -30.87 1.76 -4.29
C TYR A 40 -31.81 1.50 -5.44
N GLY A 41 -32.92 2.21 -5.47
CA GLY A 41 -33.95 1.99 -6.47
C GLY A 41 -34.87 3.18 -6.70
N VAL A 42 -35.68 3.07 -7.74
CA VAL A 42 -36.73 4.05 -7.97
C VAL A 42 -38.04 3.30 -7.79
N TYR A 43 -39.07 4.02 -7.34
CA TYR A 43 -40.29 3.40 -6.84
C TYR A 43 -41.45 4.40 -6.84
N ARG A 44 -42.64 3.96 -7.23
CA ARG A 44 -43.82 4.79 -7.05
C ARG A 44 -44.55 4.39 -5.77
N SER A 45 -44.65 5.34 -4.84
CA SER A 45 -45.30 5.13 -3.55
C SER A 45 -46.39 6.18 -3.34
N GLY A 46 -47.56 5.73 -2.90
CA GLY A 46 -48.69 6.63 -2.82
C GLY A 46 -48.83 7.20 -4.22
N ASP A 47 -48.77 8.51 -4.32
CA ASP A 47 -48.91 9.13 -5.63
C ASP A 47 -47.63 9.79 -6.11
N LYS A 48 -46.49 9.43 -5.53
CA LYS A 48 -45.24 10.13 -5.87
C LYS A 48 -44.17 9.20 -6.42
N GLU A 49 -43.44 9.66 -7.43
CA GLU A 49 -42.27 8.93 -7.92
C GLU A 49 -41.08 9.20 -7.00
N SER A 50 -40.54 8.18 -6.37
CA SER A 50 -39.46 8.42 -5.41
C SER A 50 -38.18 7.69 -5.81
N GLN A 51 -37.07 8.08 -5.18
CA GLN A 51 -35.88 7.25 -5.11
C GLN A 51 -35.77 6.84 -3.65
N PHE A 52 -35.12 5.70 -3.41
CA PHE A 52 -34.84 5.29 -2.04
C PHE A 52 -33.52 4.55 -2.00
N PHE A 53 -32.91 4.52 -0.82
CA PHE A 53 -31.82 3.58 -0.59
C PHE A 53 -31.97 3.02 0.81
N CYS A 54 -31.36 1.87 1.04
CA CYS A 54 -31.47 1.17 2.31
C CYS A 54 -30.12 0.56 2.66
N VAL A 55 -29.72 0.67 3.92
CA VAL A 55 -28.49 0.04 4.37
C VAL A 55 -28.83 -1.17 5.21
N GLY A 56 -28.08 -2.25 5.02
CA GLY A 56 -28.20 -3.43 5.84
C GLY A 56 -27.04 -3.43 6.82
N LEU A 57 -27.31 -3.78 8.07
CA LEU A 57 -26.33 -3.62 9.15
C LEU A 57 -25.87 -4.94 9.76
N LYS A 58 -24.61 -5.02 10.11
CA LYS A 58 -24.13 -6.13 10.91
C LYS A 58 -23.27 -5.59 12.03
N ARG A 59 -22.99 -6.43 13.01
CA ARG A 59 -22.00 -6.10 14.02
C ARG A 59 -21.08 -7.31 14.13
N GLY A 60 -19.98 -7.26 13.39
CA GLY A 60 -19.13 -8.42 13.25
C GLY A 60 -19.96 -9.53 12.63
N SER A 61 -19.90 -10.71 13.22
CA SER A 61 -20.63 -11.86 12.69
C SER A 61 -22.09 -11.86 13.09
N GLN A 62 -22.49 -10.87 13.91
CA GLN A 62 -23.87 -10.75 14.39
C GLN A 62 -24.68 -9.73 13.60
N VAL A 63 -26.00 -9.89 13.62
CA VAL A 63 -26.92 -8.96 12.99
C VAL A 63 -27.66 -8.18 14.07
N PRO A 64 -27.53 -6.85 14.07
CA PRO A 64 -28.16 -6.01 15.09
C PRO A 64 -29.64 -6.27 15.16
N ASN A 65 -30.27 -5.77 16.22
CA ASN A 65 -31.70 -5.96 16.44
C ASN A 65 -32.48 -5.35 15.29
N VAL A 66 -32.30 -4.05 15.09
CA VAL A 66 -32.81 -3.36 13.92
C VAL A 66 -31.67 -3.31 12.91
N HIS A 67 -31.87 -3.88 11.74
CA HIS A 67 -30.77 -4.05 10.80
C HIS A 67 -30.96 -3.39 9.43
N THR A 68 -32.10 -2.76 9.22
CA THR A 68 -32.36 -2.15 7.93
C THR A 68 -32.93 -0.75 8.10
N ILE A 69 -32.21 0.23 7.55
CA ILE A 69 -32.57 1.63 7.68
C ILE A 69 -32.64 2.22 6.27
N CYS A 70 -33.67 3.01 6.00
CA CYS A 70 -33.94 3.50 4.65
C CYS A 70 -34.04 5.01 4.60
N LYS A 71 -33.76 5.58 3.43
CA LYS A 71 -34.00 7.00 3.18
C LYS A 71 -34.69 7.16 1.85
N ILE A 72 -35.67 8.07 1.77
CA ILE A 72 -36.45 8.28 0.57
C ILE A 72 -36.44 9.77 0.21
N ASP A 73 -36.25 10.10 -1.07
CA ASP A 73 -36.09 11.51 -1.43
C ASP A 73 -37.32 12.38 -1.18
N VAL A 74 -38.51 11.87 -1.49
CA VAL A 74 -39.71 12.70 -1.39
C VAL A 74 -40.67 12.31 -0.26
N PHE A 75 -40.20 11.45 0.63
CA PHE A 75 -40.94 11.10 1.84
C PHE A 75 -40.05 11.16 3.08
N GLY A 76 -40.65 11.41 4.23
CA GLY A 76 -39.93 11.26 5.48
C GLY A 76 -39.99 12.46 6.40
N THR A 77 -39.48 12.29 7.61
CA THR A 77 -39.40 13.39 8.55
C THR A 77 -38.31 14.36 8.12
N HIS A 78 -37.37 13.90 7.30
CA HIS A 78 -36.31 14.78 6.81
C HIS A 78 -36.02 14.47 5.34
N LYS A 79 -36.65 15.23 4.45
CA LYS A 79 -36.49 14.95 3.02
C LYS A 79 -35.15 15.43 2.45
N GLN A 80 -34.52 16.42 3.09
CA GLN A 80 -33.24 16.93 2.58
C GLN A 80 -32.17 15.85 2.63
N GLY A 81 -31.08 16.11 1.89
CA GLY A 81 -29.85 15.35 1.98
C GLY A 81 -29.89 13.94 1.45
N PHE A 82 -30.76 13.68 0.49
CA PHE A 82 -30.79 12.34 -0.12
C PHE A 82 -29.46 11.95 -0.81
N ASP A 83 -28.88 12.88 -1.58
CA ASP A 83 -27.71 12.53 -2.41
C ASP A 83 -26.49 12.39 -1.53
N ASN A 84 -26.32 13.34 -0.62
CA ASN A 84 -25.24 13.31 0.35
C ASN A 84 -25.30 12.12 1.30
N MET A 85 -26.50 11.73 1.71
CA MET A 85 -26.61 10.57 2.59
C MET A 85 -26.25 9.31 1.82
N LEU A 86 -26.73 9.22 0.59
CA LEU A 86 -26.42 8.08 -0.27
C LEU A 86 -24.90 7.93 -0.49
N ALA A 87 -24.22 9.01 -0.87
CA ALA A 87 -22.78 8.97 -1.06
C ALA A 87 -22.06 8.58 0.22
N THR A 88 -22.57 9.08 1.33
CA THR A 88 -21.96 8.78 2.61
C THR A 88 -22.12 7.30 2.92
N ALA A 89 -23.33 6.79 2.80
CA ALA A 89 -23.57 5.37 3.03
C ALA A 89 -22.65 4.54 2.17
N ARG A 90 -22.51 4.93 0.91
CA ARG A 90 -21.78 4.13 -0.05
C ARG A 90 -20.31 4.05 0.33
N TYR A 91 -19.72 5.19 0.68
CA TYR A 91 -18.34 5.22 1.14
C TYR A 91 -18.13 4.21 2.27
N TYR A 92 -19.02 4.24 3.28
CA TYR A 92 -18.88 3.36 4.45
C TYR A 92 -19.09 1.89 4.11
N TYR A 93 -19.95 1.62 3.13
CA TYR A 93 -20.11 0.26 2.63
C TYR A 93 -18.80 -0.21 1.97
N ALA A 94 -18.14 0.71 1.29
CA ALA A 94 -16.90 0.40 0.57
C ALA A 94 -15.79 0.05 1.54
N THR A 95 -15.55 0.90 2.54
CA THR A 95 -14.54 0.63 3.55
C THR A 95 -14.95 -0.44 4.59
N GLY A 96 -16.24 -0.65 4.76
CA GLY A 96 -16.72 -1.59 5.77
C GLY A 96 -16.41 -1.16 7.22
N GLU A 97 -16.04 0.09 7.40
CA GLU A 97 -15.59 0.54 8.71
C GLU A 97 -16.70 0.63 9.76
N ASP A 98 -16.28 0.65 11.03
CA ASP A 98 -17.24 0.83 12.15
C ASP A 98 -17.89 2.20 12.17
N VAL A 99 -19.22 2.23 12.20
CA VAL A 99 -19.97 3.48 12.21
C VAL A 99 -21.09 3.46 13.25
N ARG A 100 -21.56 4.64 13.63
CA ARG A 100 -22.85 4.72 14.34
C ARG A 100 -23.93 5.21 13.37
N ILE A 101 -25.04 4.49 13.34
CA ILE A 101 -26.21 4.84 12.57
C ILE A 101 -27.31 5.43 13.45
N TYR A 102 -27.67 6.69 13.24
CA TYR A 102 -28.82 7.29 13.91
C TYR A 102 -30.04 7.13 13.02
N TYR A 103 -31.15 6.68 13.60
CA TYR A 103 -32.34 6.38 12.80
C TYR A 103 -33.63 6.72 13.54
N LYS A 104 -34.74 6.61 12.82
CA LYS A 104 -36.06 6.92 13.37
C LYS A 104 -37.00 5.79 13.00
N GLU A 105 -37.63 5.23 14.02
CA GLU A 105 -38.44 4.03 13.86
C GLU A 105 -39.87 4.35 13.41
N ASN A 106 -40.50 3.39 12.74
CA ASN A 106 -41.91 3.51 12.40
C ASN A 106 -42.24 4.77 11.61
N VAL A 107 -41.45 5.06 10.59
CA VAL A 107 -41.72 6.21 9.72
C VAL A 107 -42.52 5.83 8.48
N TRP A 108 -42.00 4.91 7.68
CA TRP A 108 -42.66 4.58 6.42
C TRP A 108 -44.00 3.85 6.65
N THR A 109 -45.02 4.27 5.91
CA THR A 109 -46.36 3.67 6.06
C THR A 109 -46.80 2.92 4.80
N ASP A 110 -45.95 2.92 3.79
CA ASP A 110 -46.16 2.07 2.64
C ASP A 110 -45.92 0.65 3.09
N ARG A 111 -46.99 -0.10 3.32
CA ARG A 111 -46.85 -1.46 3.84
C ARG A 111 -46.11 -2.38 2.88
N ASN A 112 -46.19 -2.11 1.58
CA ASN A 112 -45.39 -2.86 0.62
C ASN A 112 -43.90 -2.56 0.80
N PHE A 113 -43.57 -1.29 1.02
CA PHE A 113 -42.17 -0.90 1.22
C PHE A 113 -41.61 -1.48 2.52
N THR A 114 -42.36 -1.38 3.62
CA THR A 114 -41.87 -1.84 4.92
C THR A 114 -41.76 -3.35 5.00
N ALA A 115 -42.64 -4.06 4.29
CA ALA A 115 -42.56 -5.51 4.22
C ALA A 115 -41.26 -5.96 3.54
N ALA A 116 -40.80 -5.19 2.55
CA ALA A 116 -39.61 -5.54 1.78
C ALA A 116 -38.32 -5.04 2.44
N PHE A 117 -38.40 -3.90 3.11
CA PHE A 117 -37.24 -3.31 3.74
C PHE A 117 -37.52 -3.05 5.22
N SER A 118 -37.91 -1.83 5.59
CA SER A 118 -38.30 -1.55 6.97
C SER A 118 -39.09 -0.24 7.07
N GLY A 119 -39.40 0.14 8.30
CA GLY A 119 -40.09 1.40 8.55
C GLY A 119 -39.13 2.45 9.06
N ASN A 120 -37.85 2.07 9.15
CA ASN A 120 -36.85 2.94 9.75
C ASN A 120 -36.33 3.98 8.77
N GLU A 121 -36.22 5.22 9.24
CA GLU A 121 -35.66 6.30 8.45
C GLU A 121 -34.26 6.67 8.91
N LEU A 122 -33.32 6.69 7.97
CA LEU A 122 -31.94 7.02 8.28
C LEU A 122 -31.79 8.51 8.52
N ILE A 123 -31.10 8.87 9.61
CA ILE A 123 -30.98 10.27 10.02
C ILE A 123 -29.55 10.81 9.94
N ALA A 124 -28.58 10.01 10.37
CA ALA A 124 -27.17 10.41 10.37
C ALA A 124 -26.25 9.19 10.42
N ILE A 125 -25.03 9.37 9.95
CA ILE A 125 -23.99 8.35 10.10
C ILE A 125 -22.73 9.06 10.57
N THR A 126 -22.16 8.56 11.66
CA THR A 126 -20.91 9.08 12.16
C THR A 126 -19.88 7.94 12.25
N THR A 127 -18.61 8.28 12.33
CA THR A 127 -17.54 7.29 12.40
C THR A 127 -17.13 6.95 13.84
N CYS A 128 -16.46 5.82 14.01
CA CYS A 128 -16.04 5.38 15.34
C CYS A 128 -14.52 5.30 15.40
N THR A 129 -13.96 5.63 16.56
CA THR A 129 -12.51 5.54 16.73
C THR A 129 -12.10 4.50 17.75
N SER A 130 -13.08 3.83 18.35
CA SER A 130 -12.77 2.67 19.18
C SER A 130 -14.00 1.79 19.36
N SER A 131 -13.79 0.62 19.96
CA SER A 131 -14.86 -0.33 20.20
C SER A 131 -15.97 0.33 21.00
N ASP A 132 -15.69 1.55 21.45
CA ASP A 132 -16.41 2.17 22.55
C ASP A 132 -16.87 3.59 22.26
N TYR A 133 -16.23 4.24 21.30
CA TYR A 133 -16.55 5.64 21.02
C TYR A 133 -16.80 5.86 19.55
N CYS A 134 -17.96 6.44 19.23
CA CYS A 134 -18.24 6.97 17.90
C CYS A 134 -18.56 8.45 18.04
N MET A 135 -18.40 9.19 16.94
CA MET A 135 -18.65 10.62 16.98
C MET A 135 -20.16 10.89 17.07
N GLY A 136 -20.52 11.98 17.75
CA GLY A 136 -21.92 12.37 17.86
C GLY A 136 -22.56 12.12 19.22
N PRO A 137 -23.81 12.57 19.40
CA PRO A 137 -24.43 12.50 20.74
C PRO A 137 -24.83 11.10 21.21
N THR A 138 -24.68 10.86 22.51
CA THR A 138 -25.19 9.64 23.10
C THR A 138 -26.22 10.01 24.16
N LEU A 139 -27.09 9.08 24.49
CA LEU A 139 -28.09 9.32 25.51
C LEU A 139 -27.41 9.67 26.84
N PRO A 140 -27.66 10.89 27.31
CA PRO A 140 -27.04 11.41 28.55
C PRO A 140 -27.71 10.80 29.76
N ASN A 141 -27.02 9.95 30.52
CA ASN A 141 -25.66 9.52 30.20
C ASN A 141 -25.61 8.02 29.89
N ASN B 22 -30.12 1.07 -36.98
CA ASN B 22 -28.96 1.53 -36.26
C ASN B 22 -29.14 2.92 -35.63
N MET B 23 -28.56 3.12 -34.45
CA MET B 23 -28.64 4.41 -33.77
C MET B 23 -27.87 5.48 -34.55
N ALA B 24 -28.56 6.58 -34.84
CA ALA B 24 -28.03 7.67 -35.65
C ALA B 24 -26.52 7.90 -35.52
N ASP B 25 -26.12 8.42 -34.36
CA ASP B 25 -24.77 8.88 -34.14
C ASP B 25 -23.80 7.81 -33.62
N TYR B 26 -24.05 6.53 -33.91
CA TYR B 26 -23.25 5.45 -33.34
C TYR B 26 -22.54 4.60 -34.38
N ASN B 27 -22.24 5.22 -35.52
N ASN B 27 -22.22 5.21 -35.52
CA ASN B 27 -21.60 4.53 -36.63
CA ASN B 27 -21.58 4.46 -36.57
C ASN B 27 -20.10 4.74 -36.65
C ASN B 27 -20.13 4.88 -36.80
N THR B 28 -19.62 5.74 -35.91
CA THR B 28 -18.23 6.14 -35.93
C THR B 28 -17.54 5.91 -34.59
N TYR B 29 -16.67 4.91 -34.54
CA TYR B 29 -16.07 4.54 -33.26
C TYR B 29 -14.68 3.92 -33.36
N GLN B 30 -13.95 3.98 -32.26
CA GLN B 30 -12.72 3.22 -32.11
C GLN B 30 -12.79 2.24 -30.95
N SER B 31 -12.53 0.98 -31.25
CA SER B 31 -12.71 -0.08 -30.29
C SER B 31 -11.40 -0.46 -29.63
N ASN B 32 -11.48 -0.95 -28.39
CA ASN B 32 -10.32 -1.46 -27.70
C ASN B 32 -9.17 -0.47 -27.71
N VAL B 33 -9.49 0.76 -27.32
CA VAL B 33 -8.52 1.81 -27.12
C VAL B 33 -8.45 2.12 -25.64
N GLN B 34 -7.52 2.99 -25.26
CA GLN B 34 -7.41 3.45 -23.89
C GLN B 34 -7.36 4.95 -23.88
N ILE B 35 -7.95 5.56 -22.85
CA ILE B 35 -7.85 7.00 -22.67
C ILE B 35 -6.56 7.29 -21.92
N ASN B 36 -5.58 7.85 -22.61
CA ASN B 36 -4.27 8.07 -22.01
C ASN B 36 -3.95 9.54 -21.79
N ASN B 37 -4.85 10.42 -22.19
CA ASN B 37 -4.73 11.84 -21.86
C ASN B 37 -6.08 12.48 -21.64
N LEU B 38 -6.08 13.58 -20.92
CA LEU B 38 -7.33 14.22 -20.54
C LEU B 38 -7.12 15.72 -20.47
N SER B 39 -8.04 16.48 -21.05
CA SER B 39 -8.06 17.93 -20.90
C SER B 39 -9.41 18.38 -20.33
N TYR B 40 -9.37 19.41 -19.49
CA TYR B 40 -10.57 20.08 -19.03
C TYR B 40 -10.29 21.58 -18.89
N GLY B 41 -11.23 22.41 -19.32
CA GLY B 41 -11.04 23.85 -19.19
C GLY B 41 -12.27 24.70 -19.47
N VAL B 42 -12.15 25.99 -19.23
CA VAL B 42 -13.23 26.91 -19.55
C VAL B 42 -12.78 27.83 -20.68
N TYR B 43 -13.72 28.21 -21.55
CA TYR B 43 -13.39 28.84 -22.82
C TYR B 43 -14.58 29.65 -23.34
N ARG B 44 -14.32 30.90 -23.71
CA ARG B 44 -15.35 31.72 -24.34
C ARG B 44 -15.25 31.52 -25.84
N SER B 45 -16.35 31.06 -26.43
CA SER B 45 -16.42 30.89 -27.87
C SER B 45 -17.56 31.76 -28.39
N GLY B 46 -17.20 32.81 -29.11
CA GLY B 46 -18.17 33.80 -29.53
C GLY B 46 -18.51 34.66 -28.33
N ASP B 47 -19.80 34.75 -28.02
CA ASP B 47 -20.22 35.42 -26.80
C ASP B 47 -20.76 34.41 -25.79
N LYS B 48 -20.52 33.13 -26.04
CA LYS B 48 -20.98 32.06 -25.14
C LYS B 48 -19.89 31.44 -24.29
N GLU B 49 -20.00 31.60 -22.98
CA GLU B 49 -19.08 30.96 -22.03
C GLU B 49 -19.32 29.46 -21.95
N SER B 50 -18.27 28.67 -22.14
CA SER B 50 -18.43 27.22 -22.13
C SER B 50 -17.41 26.47 -21.27
N GLN B 51 -17.72 25.20 -21.00
CA GLN B 51 -16.74 24.25 -20.53
C GLN B 51 -16.50 23.24 -21.62
N PHE B 52 -15.32 22.61 -21.60
CA PHE B 52 -15.06 21.51 -22.51
C PHE B 52 -14.15 20.53 -21.79
N PHE B 53 -14.20 19.29 -22.23
CA PHE B 53 -13.15 18.34 -21.90
C PHE B 53 -12.80 17.53 -23.16
N CYS B 54 -11.59 16.98 -23.21
CA CYS B 54 -11.17 16.14 -24.33
C CYS B 54 -10.47 14.91 -23.81
N VAL B 55 -10.65 13.81 -24.52
CA VAL B 55 -9.92 12.60 -24.22
C VAL B 55 -8.88 12.39 -25.32
N GLY B 56 -7.67 11.99 -24.91
CA GLY B 56 -6.63 11.61 -25.85
C GLY B 56 -6.53 10.09 -25.86
N LEU B 57 -6.41 9.50 -27.05
CA LEU B 57 -6.48 8.05 -27.15
C LEU B 57 -5.17 7.40 -27.58
N LYS B 58 -5.04 6.12 -27.25
CA LYS B 58 -3.95 5.30 -27.69
C LYS B 58 -4.46 3.88 -27.82
N ARG B 59 -3.79 3.07 -28.62
CA ARG B 59 -4.12 1.65 -28.68
C ARG B 59 -2.85 0.89 -28.31
N GLY B 60 -2.77 0.47 -27.06
CA GLY B 60 -1.55 -0.13 -26.55
C GLY B 60 -0.39 0.86 -26.70
N SER B 61 0.37 0.70 -27.77
CA SER B 61 1.49 1.60 -28.06
C SER B 61 1.26 2.39 -29.37
N GLN B 62 0.16 2.09 -30.05
CA GLN B 62 -0.21 2.85 -31.25
C GLN B 62 -1.12 4.03 -30.89
N VAL B 63 -1.25 4.97 -31.80
CA VAL B 63 -2.25 6.02 -31.69
C VAL B 63 -3.17 5.90 -32.90
N PRO B 64 -4.48 5.76 -32.65
CA PRO B 64 -5.52 5.52 -33.67
C PRO B 64 -5.64 6.66 -34.67
N ASN B 65 -6.43 6.45 -35.72
CA ASN B 65 -6.65 7.49 -36.72
C ASN B 65 -7.19 8.78 -36.07
N VAL B 66 -8.22 8.63 -35.25
CA VAL B 66 -8.74 9.73 -34.44
C VAL B 66 -8.16 9.56 -33.04
N HIS B 67 -7.40 10.55 -32.56
CA HIS B 67 -6.79 10.44 -31.23
C HIS B 67 -7.29 11.46 -30.19
N THR B 68 -8.02 12.47 -30.65
CA THR B 68 -8.56 13.50 -29.77
C THR B 68 -10.07 13.61 -29.99
N ILE B 69 -10.83 13.57 -28.89
CA ILE B 69 -12.28 13.66 -28.93
C ILE B 69 -12.78 14.52 -27.77
N CYS B 70 -13.72 15.41 -28.06
CA CYS B 70 -14.13 16.44 -27.10
C CYS B 70 -15.63 16.54 -26.89
N LYS B 71 -16.01 17.07 -25.73
CA LYS B 71 -17.40 17.42 -25.42
C LYS B 71 -17.45 18.84 -24.87
N ILE B 72 -18.47 19.61 -25.26
CA ILE B 72 -18.60 20.99 -24.81
C ILE B 72 -20.00 21.21 -24.22
N ASP B 73 -20.09 21.95 -23.12
CA ASP B 73 -21.36 21.98 -22.40
C ASP B 73 -22.48 22.72 -23.16
N VAL B 74 -22.13 23.80 -23.84
CA VAL B 74 -23.14 24.60 -24.53
C VAL B 74 -22.99 24.59 -26.06
N PHE B 75 -22.16 23.70 -26.59
CA PHE B 75 -22.09 23.53 -28.05
C PHE B 75 -22.17 22.06 -28.41
N GLY B 76 -22.53 21.79 -29.66
CA GLY B 76 -22.40 20.46 -30.23
C GLY B 76 -23.71 19.86 -30.64
N THR B 77 -23.66 18.64 -31.16
CA THR B 77 -24.89 17.96 -31.56
C THR B 77 -25.67 17.41 -30.34
N HIS B 78 -24.95 17.18 -29.23
CA HIS B 78 -25.61 16.78 -27.97
C HIS B 78 -25.03 17.57 -26.80
N LYS B 79 -25.76 18.57 -26.32
CA LYS B 79 -25.26 19.40 -25.24
C LYS B 79 -25.42 18.75 -23.89
N GLN B 80 -26.34 17.79 -23.79
CA GLN B 80 -26.61 17.08 -22.53
C GLN B 80 -25.51 16.10 -22.09
N GLY B 81 -25.50 15.78 -20.81
CA GLY B 81 -24.64 14.76 -20.28
C GLY B 81 -23.21 15.20 -20.08
N PHE B 82 -22.97 16.52 -20.02
CA PHE B 82 -21.60 16.99 -19.85
C PHE B 82 -20.93 16.46 -18.57
N ASP B 83 -21.60 16.63 -17.43
CA ASP B 83 -21.03 16.21 -16.15
C ASP B 83 -20.84 14.70 -16.06
N ASN B 84 -21.83 13.93 -16.50
CA ASN B 84 -21.71 12.47 -16.54
C ASN B 84 -20.64 11.93 -17.52
N MET B 85 -20.55 12.51 -18.71
CA MET B 85 -19.53 12.08 -19.68
C MET B 85 -18.13 12.34 -19.14
N LEU B 86 -17.93 13.52 -18.55
CA LEU B 86 -16.66 13.86 -17.93
C LEU B 86 -16.29 12.90 -16.79
N ALA B 87 -17.23 12.62 -15.89
CA ALA B 87 -16.96 11.69 -14.80
C ALA B 87 -16.63 10.32 -15.39
N THR B 88 -17.37 9.91 -16.41
CA THR B 88 -17.13 8.63 -17.04
C THR B 88 -15.73 8.56 -17.69
N ALA B 89 -15.38 9.56 -18.50
CA ALA B 89 -14.06 9.62 -19.10
C ALA B 89 -12.96 9.62 -18.04
N ARG B 90 -13.15 10.41 -16.98
CA ARG B 90 -12.13 10.52 -15.95
C ARG B 90 -11.89 9.17 -15.29
N TYR B 91 -12.98 8.48 -14.97
CA TYR B 91 -12.86 7.15 -14.39
C TYR B 91 -11.99 6.25 -15.28
N TYR B 92 -12.35 6.17 -16.56
CA TYR B 92 -11.61 5.33 -17.50
C TYR B 92 -10.15 5.76 -17.69
N TYR B 93 -9.91 7.07 -17.60
CA TYR B 93 -8.55 7.56 -17.60
C TYR B 93 -7.77 6.95 -16.43
N ALA B 94 -8.45 6.80 -15.31
CA ALA B 94 -7.82 6.33 -14.08
C ALA B 94 -7.46 4.85 -14.16
N THR B 95 -8.43 4.02 -14.56
CA THR B 95 -8.22 2.58 -14.65
C THR B 95 -7.37 2.23 -15.88
N GLY B 96 -7.35 3.13 -16.87
CA GLY B 96 -6.64 2.90 -18.11
C GLY B 96 -7.10 1.68 -18.91
N GLU B 97 -8.32 1.24 -18.65
CA GLU B 97 -8.84 0.02 -19.27
C GLU B 97 -9.26 0.21 -20.74
N ASP B 98 -9.43 -0.91 -21.44
CA ASP B 98 -9.87 -0.90 -22.83
C ASP B 98 -11.30 -0.40 -22.90
N VAL B 99 -11.54 0.63 -23.70
CA VAL B 99 -12.91 1.10 -23.93
C VAL B 99 -13.20 1.22 -25.41
N ARG B 100 -14.48 1.34 -25.76
CA ARG B 100 -14.84 1.76 -27.11
C ARG B 100 -15.32 3.19 -27.04
N ILE B 101 -14.94 4.00 -28.02
CA ILE B 101 -15.31 5.41 -28.05
C ILE B 101 -16.11 5.68 -29.29
N TYR B 102 -17.33 6.17 -29.10
CA TYR B 102 -18.16 6.58 -30.21
C TYR B 102 -18.02 8.08 -30.32
N TYR B 103 -17.83 8.59 -31.54
CA TYR B 103 -17.66 10.04 -31.71
C TYR B 103 -18.31 10.55 -32.99
N LYS B 104 -18.27 11.86 -33.15
CA LYS B 104 -18.83 12.51 -34.33
C LYS B 104 -17.81 13.49 -34.91
N GLU B 105 -17.40 13.24 -36.15
CA GLU B 105 -16.37 14.03 -36.81
C GLU B 105 -16.93 15.32 -37.36
N ASN B 106 -16.08 16.34 -37.47
CA ASN B 106 -16.46 17.59 -38.15
C ASN B 106 -17.60 18.32 -37.48
N VAL B 107 -17.68 18.26 -36.16
CA VAL B 107 -18.72 18.98 -35.46
C VAL B 107 -18.32 20.43 -35.22
N TRP B 108 -17.19 20.64 -34.56
CA TRP B 108 -16.81 21.96 -34.06
C TRP B 108 -16.43 22.91 -35.20
N THR B 109 -17.04 24.09 -35.19
CA THR B 109 -16.80 25.09 -36.24
C THR B 109 -15.76 26.11 -35.82
N ASP B 110 -15.51 26.22 -34.51
CA ASP B 110 -14.48 27.11 -34.02
C ASP B 110 -13.11 26.58 -34.41
N ARG B 111 -12.48 27.24 -35.37
CA ARG B 111 -11.23 26.75 -35.97
C ARG B 111 -10.02 26.82 -35.02
N ASN B 112 -10.03 27.78 -34.09
CA ASN B 112 -9.03 27.78 -33.02
C ASN B 112 -9.18 26.54 -32.13
N PHE B 113 -10.41 26.18 -31.78
CA PHE B 113 -10.61 25.01 -30.93
C PHE B 113 -10.15 23.72 -31.60
N THR B 114 -10.47 23.56 -32.88
CA THR B 114 -10.17 22.31 -33.57
C THR B 114 -8.68 22.19 -33.90
N ALA B 115 -8.01 23.30 -34.13
CA ALA B 115 -6.57 23.27 -34.35
C ALA B 115 -5.87 22.88 -33.05
N ALA B 116 -6.42 23.34 -31.92
CA ALA B 116 -5.86 23.02 -30.60
C ALA B 116 -6.17 21.59 -30.18
N PHE B 117 -7.36 21.10 -30.55
CA PHE B 117 -7.78 19.76 -30.15
C PHE B 117 -8.21 18.95 -31.36
N SER B 118 -9.50 19.01 -31.70
CA SER B 118 -9.99 18.43 -32.94
C SER B 118 -11.41 18.88 -33.23
N GLY B 119 -11.99 18.36 -34.30
CA GLY B 119 -13.37 18.64 -34.63
C GLY B 119 -14.30 17.53 -34.16
N ASN B 120 -13.76 16.55 -33.46
CA ASN B 120 -14.53 15.39 -33.01
C ASN B 120 -15.38 15.59 -31.75
N GLU B 121 -16.64 15.22 -31.84
CA GLU B 121 -17.53 15.28 -30.68
C GLU B 121 -17.74 13.90 -30.07
N LEU B 122 -17.57 13.82 -28.75
CA LEU B 122 -17.74 12.57 -28.04
C LEU B 122 -19.21 12.22 -27.83
N ILE B 123 -19.58 11.02 -28.26
CA ILE B 123 -20.96 10.57 -28.20
C ILE B 123 -21.23 9.55 -27.08
N ALA B 124 -20.30 8.63 -26.87
CA ALA B 124 -20.51 7.54 -25.93
C ALA B 124 -19.21 6.81 -25.63
N ILE B 125 -19.15 6.20 -24.45
CA ILE B 125 -18.01 5.36 -24.05
C ILE B 125 -18.52 4.06 -23.46
N THR B 126 -18.01 2.95 -23.97
CA THR B 126 -18.41 1.64 -23.49
C THR B 126 -17.17 0.81 -23.16
N THR B 127 -17.34 -0.22 -22.35
CA THR B 127 -16.22 -1.03 -21.88
C THR B 127 -16.09 -2.29 -22.72
N CYS B 128 -14.89 -2.87 -22.72
CA CYS B 128 -14.60 -4.05 -23.52
C CYS B 128 -14.14 -5.18 -22.63
N THR B 129 -14.78 -6.33 -22.75
CA THR B 129 -14.39 -7.51 -21.98
C THR B 129 -13.37 -8.38 -22.70
N SER B 130 -13.12 -8.11 -23.97
CA SER B 130 -12.02 -8.76 -24.68
C SER B 130 -11.64 -8.00 -25.94
N SER B 131 -10.61 -8.49 -26.64
CA SER B 131 -10.20 -7.87 -27.90
C SER B 131 -11.27 -8.08 -28.96
N ASP B 132 -12.10 -9.10 -28.73
CA ASP B 132 -13.16 -9.46 -29.66
C ASP B 132 -14.47 -8.68 -29.42
N TYR B 133 -14.68 -8.21 -28.19
CA TYR B 133 -15.97 -7.64 -27.85
C TYR B 133 -15.94 -6.37 -27.01
N CYS B 134 -16.55 -5.31 -27.54
CA CYS B 134 -16.90 -4.15 -26.75
C CYS B 134 -18.42 -4.01 -26.72
N MET B 135 -18.95 -3.52 -25.61
CA MET B 135 -20.37 -3.36 -25.51
C MET B 135 -20.82 -2.24 -26.45
N GLY B 136 -21.99 -2.42 -27.04
CA GLY B 136 -22.57 -1.39 -27.88
C GLY B 136 -22.65 -1.84 -29.32
N PRO B 137 -23.42 -1.12 -30.15
CA PRO B 137 -23.65 -1.52 -31.53
C PRO B 137 -22.38 -1.38 -32.37
N THR B 138 -22.27 -2.20 -33.40
CA THR B 138 -21.24 -2.06 -34.41
C THR B 138 -21.89 -2.19 -35.78
N LEU B 139 -21.08 -2.04 -36.82
CA LEU B 139 -21.57 -2.12 -38.19
C LEU B 139 -21.31 -3.51 -38.77
N PRO B 140 -21.75 -3.72 -40.00
CA PRO B 140 -21.59 -5.02 -40.65
C PRO B 140 -20.33 -5.11 -41.52
N ASN C 22 -47.00 -6.56 -2.85
CA ASN C 22 -45.57 -6.40 -3.06
C ASN C 22 -45.27 -5.07 -3.76
N MET C 23 -44.01 -4.68 -3.79
CA MET C 23 -43.64 -3.40 -4.39
C MET C 23 -43.84 -3.38 -5.90
N ALA C 24 -44.71 -2.48 -6.37
CA ALA C 24 -44.99 -2.33 -7.78
C ALA C 24 -43.70 -2.17 -8.59
N ASP C 25 -43.50 -3.06 -9.55
CA ASP C 25 -42.36 -2.99 -10.47
C ASP C 25 -41.10 -3.70 -9.97
N TYR C 26 -41.25 -4.47 -8.89
CA TYR C 26 -40.13 -5.15 -8.25
C TYR C 26 -40.29 -6.66 -8.30
N ASN C 27 -41.11 -7.13 -9.22
CA ASN C 27 -41.41 -8.55 -9.33
C ASN C 27 -40.57 -9.22 -10.43
N THR C 28 -39.78 -8.41 -11.12
CA THR C 28 -38.94 -8.89 -12.20
C THR C 28 -37.48 -8.58 -11.91
N TYR C 29 -36.67 -9.61 -11.66
CA TYR C 29 -35.29 -9.37 -11.24
C TYR C 29 -34.36 -10.54 -11.54
N GLN C 30 -33.07 -10.27 -11.52
CA GLN C 30 -32.06 -11.33 -11.63
C GLN C 30 -31.09 -11.21 -10.48
N SER C 31 -30.90 -12.32 -9.76
CA SER C 31 -30.08 -12.33 -8.55
C SER C 31 -28.67 -12.88 -8.80
N ASN C 32 -27.73 -12.48 -7.95
CA ASN C 32 -26.36 -12.97 -8.04
C ASN C 32 -25.78 -12.88 -9.44
N VAL C 33 -25.94 -11.71 -10.07
CA VAL C 33 -25.27 -11.44 -11.33
C VAL C 33 -24.16 -10.42 -11.09
N GLN C 34 -23.25 -10.30 -12.05
CA GLN C 34 -22.22 -9.28 -11.98
C GLN C 34 -22.43 -8.33 -13.16
N ILE C 35 -22.11 -7.05 -12.94
CA ILE C 35 -22.12 -6.05 -14.00
C ILE C 35 -20.75 -6.06 -14.67
N ASN C 36 -20.57 -6.86 -15.71
CA ASN C 36 -19.25 -6.92 -16.33
C ASN C 36 -19.02 -5.99 -17.52
N ASN C 37 -20.02 -5.21 -17.88
CA ASN C 37 -19.86 -4.18 -18.92
C ASN C 37 -20.79 -3.01 -18.66
N LEU C 38 -20.33 -1.81 -19.03
CA LEU C 38 -21.12 -0.62 -18.80
C LEU C 38 -21.07 0.28 -20.04
N SER C 39 -22.22 0.80 -20.44
CA SER C 39 -22.31 1.73 -21.55
C SER C 39 -22.95 3.04 -21.10
N TYR C 40 -22.29 4.15 -21.41
CA TYR C 40 -22.89 5.47 -21.20
C TYR C 40 -22.78 6.34 -22.46
N GLY C 41 -23.86 7.02 -22.81
CA GLY C 41 -23.84 7.85 -24.00
C GLY C 41 -25.00 8.83 -24.12
N VAL C 42 -24.84 9.76 -25.06
CA VAL C 42 -25.89 10.71 -25.34
C VAL C 42 -26.45 10.40 -26.72
N TYR C 43 -27.72 10.72 -26.92
CA TYR C 43 -28.44 10.17 -28.05
C TYR C 43 -29.74 10.93 -28.26
N ARG C 44 -30.13 11.13 -29.51
CA ARG C 44 -31.40 11.79 -29.79
C ARG C 44 -32.43 10.73 -30.17
N SER C 45 -33.49 10.65 -29.38
CA SER C 45 -34.51 9.63 -29.60
C SER C 45 -35.86 10.31 -29.60
N GLY C 46 -36.72 9.93 -30.54
CA GLY C 46 -37.88 10.75 -30.81
C GLY C 46 -37.29 12.10 -31.16
N ASP C 47 -37.88 13.17 -30.66
CA ASP C 47 -37.29 14.48 -30.85
C ASP C 47 -36.78 15.06 -29.55
N LYS C 48 -36.28 14.18 -28.69
CA LYS C 48 -35.75 14.60 -27.41
C LYS C 48 -34.28 14.22 -27.23
N GLU C 49 -33.52 15.14 -26.64
CA GLU C 49 -32.12 14.89 -26.37
C GLU C 49 -31.98 14.15 -25.04
N SER C 50 -31.48 12.91 -25.11
CA SER C 50 -31.40 12.08 -23.92
C SER C 50 -29.97 11.68 -23.57
N GLN C 51 -29.81 11.23 -22.32
CA GLN C 51 -28.65 10.53 -21.83
C GLN C 51 -29.07 9.10 -21.55
N PHE C 52 -28.17 8.13 -21.73
CA PHE C 52 -28.50 6.77 -21.34
C PHE C 52 -27.28 6.00 -20.79
N PHE C 53 -27.55 5.00 -19.96
CA PHE C 53 -26.56 3.98 -19.67
C PHE C 53 -27.18 2.59 -19.62
N CYS C 54 -26.37 1.59 -19.95
CA CYS C 54 -26.80 0.19 -19.90
C CYS C 54 -25.75 -0.60 -19.15
N VAL C 55 -26.19 -1.61 -18.43
CA VAL C 55 -25.28 -2.55 -17.80
C VAL C 55 -25.35 -3.84 -18.57
N GLY C 56 -24.20 -4.47 -18.78
CA GLY C 56 -24.17 -5.83 -19.32
C GLY C 56 -23.95 -6.81 -18.16
N LEU C 57 -24.62 -7.95 -18.21
CA LEU C 57 -24.62 -8.87 -17.08
C LEU C 57 -24.04 -10.22 -17.37
N LYS C 58 -23.45 -10.80 -16.34
CA LYS C 58 -23.09 -12.20 -16.38
C LYS C 58 -23.43 -12.77 -15.01
N ARG C 59 -23.59 -14.10 -14.97
CA ARG C 59 -23.68 -14.81 -13.71
C ARG C 59 -22.56 -15.83 -13.73
N GLY C 60 -21.37 -15.41 -13.30
CA GLY C 60 -20.20 -16.26 -13.40
C GLY C 60 -19.69 -16.31 -14.83
N SER C 61 -19.46 -17.51 -15.33
CA SER C 61 -19.07 -17.70 -16.73
C SER C 61 -20.30 -17.68 -17.64
N GLN C 62 -21.48 -17.64 -17.04
CA GLN C 62 -22.74 -17.73 -17.77
C GLN C 62 -23.29 -16.35 -18.10
N VAL C 63 -24.04 -16.28 -19.19
CA VAL C 63 -24.79 -15.09 -19.55
C VAL C 63 -26.27 -15.39 -19.28
N PRO C 64 -26.91 -14.62 -18.38
CA PRO C 64 -28.34 -14.79 -18.05
C PRO C 64 -29.34 -14.49 -19.19
N ASN C 65 -30.62 -14.75 -18.94
CA ASN C 65 -31.69 -14.56 -19.93
C ASN C 65 -31.69 -13.13 -20.46
N VAL C 66 -31.99 -12.20 -19.57
CA VAL C 66 -31.85 -10.79 -19.85
C VAL C 66 -30.47 -10.35 -19.37
N HIS C 67 -29.67 -9.82 -20.29
CA HIS C 67 -28.28 -9.49 -19.95
C HIS C 67 -27.92 -8.03 -20.21
N THR C 68 -28.88 -7.25 -20.71
CA THR C 68 -28.66 -5.83 -20.99
C THR C 68 -29.82 -4.99 -20.45
N ILE C 69 -29.52 -4.08 -19.52
CA ILE C 69 -30.55 -3.32 -18.83
C ILE C 69 -30.16 -1.86 -18.76
N CYS C 70 -31.05 -0.98 -19.22
CA CYS C 70 -30.73 0.44 -19.45
C CYS C 70 -31.61 1.38 -18.64
N LYS C 71 -31.12 2.61 -18.48
CA LYS C 71 -31.88 3.68 -17.87
C LYS C 71 -31.66 4.93 -18.70
N ILE C 72 -32.71 5.71 -18.89
CA ILE C 72 -32.63 6.88 -19.77
C ILE C 72 -33.20 8.08 -19.01
N ASP C 73 -32.43 9.17 -18.96
CA ASP C 73 -32.86 10.35 -18.21
C ASP C 73 -34.29 10.89 -18.51
N VAL C 74 -34.67 11.04 -19.77
CA VAL C 74 -35.93 11.73 -20.11
C VAL C 74 -36.99 10.81 -20.68
N PHE C 75 -36.76 9.50 -20.62
CA PHE C 75 -37.78 8.51 -20.98
C PHE C 75 -37.88 7.44 -19.89
N GLY C 76 -38.98 6.69 -19.89
CA GLY C 76 -39.08 5.55 -19.00
C GLY C 76 -40.25 5.63 -18.06
N THR C 77 -40.53 4.50 -17.41
CA THR C 77 -41.60 4.40 -16.42
C THR C 77 -41.24 5.17 -15.15
N HIS C 78 -39.94 5.30 -14.87
CA HIS C 78 -39.49 6.10 -13.74
C HIS C 78 -38.27 6.92 -14.15
N LYS C 79 -38.46 8.22 -14.38
CA LYS C 79 -37.38 9.06 -14.93
C LYS C 79 -36.41 9.58 -13.89
N GLN C 80 -36.82 9.54 -12.63
CA GLN C 80 -35.98 10.03 -11.54
C GLN C 80 -34.79 9.10 -11.29
N GLY C 81 -33.76 9.63 -10.63
CA GLY C 81 -32.65 8.81 -10.18
C GLY C 81 -31.60 8.47 -11.23
N PHE C 82 -31.63 9.14 -12.38
CA PHE C 82 -30.65 8.85 -13.40
C PHE C 82 -29.22 8.94 -12.90
N ASP C 83 -28.85 10.04 -12.25
CA ASP C 83 -27.46 10.23 -11.83
C ASP C 83 -27.10 9.25 -10.72
N ASN C 84 -28.01 9.04 -9.78
CA ASN C 84 -27.73 8.14 -8.66
C ASN C 84 -27.70 6.68 -9.09
N MET C 85 -28.51 6.34 -10.08
CA MET C 85 -28.49 4.97 -10.63
C MET C 85 -27.21 4.72 -11.43
N LEU C 86 -26.73 5.75 -12.10
CA LEU C 86 -25.49 5.64 -12.87
C LEU C 86 -24.30 5.49 -11.95
N ALA C 87 -24.22 6.37 -10.96
CA ALA C 87 -23.12 6.31 -10.01
C ALA C 87 -23.11 4.94 -9.32
N THR C 88 -24.29 4.38 -9.09
CA THR C 88 -24.43 3.10 -8.39
C THR C 88 -23.99 1.92 -9.26
N ALA C 89 -24.46 1.90 -10.50
CA ALA C 89 -24.04 0.89 -11.47
C ALA C 89 -22.53 0.88 -11.69
N ARG C 90 -21.95 2.07 -11.78
CA ARG C 90 -20.52 2.19 -12.02
C ARG C 90 -19.75 1.64 -10.81
N TYR C 91 -20.24 1.93 -9.60
CA TYR C 91 -19.58 1.40 -8.43
C TYR C 91 -19.53 -0.12 -8.54
N TYR C 92 -20.65 -0.72 -8.91
CA TYR C 92 -20.71 -2.18 -8.92
C TYR C 92 -19.92 -2.76 -10.09
N TYR C 93 -19.83 -2.01 -11.18
CA TYR C 93 -18.97 -2.41 -12.28
C TYR C 93 -17.52 -2.43 -11.82
N ALA C 94 -17.17 -1.44 -10.99
CA ALA C 94 -15.80 -1.31 -10.52
C ALA C 94 -15.41 -2.44 -9.58
N THR C 95 -16.32 -2.88 -8.72
CA THR C 95 -15.97 -3.94 -7.76
C THR C 95 -16.21 -5.34 -8.31
N GLY C 96 -17.07 -5.44 -9.33
CA GLY C 96 -17.39 -6.73 -9.92
C GLY C 96 -18.13 -7.64 -8.96
N GLU C 97 -18.70 -7.04 -7.92
CA GLU C 97 -19.38 -7.80 -6.87
C GLU C 97 -20.76 -8.30 -7.28
N ASP C 98 -21.27 -9.21 -6.46
CA ASP C 98 -22.53 -9.90 -6.70
C ASP C 98 -23.72 -9.01 -6.36
N VAL C 99 -24.58 -8.75 -7.34
CA VAL C 99 -25.76 -7.94 -7.11
C VAL C 99 -27.02 -8.60 -7.63
N ARG C 100 -28.17 -8.08 -7.20
CA ARG C 100 -29.43 -8.37 -7.84
C ARG C 100 -29.93 -7.13 -8.60
N ILE C 101 -30.44 -7.34 -9.80
CA ILE C 101 -30.96 -6.25 -10.62
C ILE C 101 -32.45 -6.39 -10.83
N TYR C 102 -33.22 -5.41 -10.38
CA TYR C 102 -34.65 -5.35 -10.70
C TYR C 102 -34.79 -4.52 -11.98
N TYR C 103 -35.63 -4.98 -12.89
CA TYR C 103 -35.87 -4.24 -14.13
C TYR C 103 -37.30 -4.44 -14.61
N LYS C 104 -37.64 -3.69 -15.65
CA LYS C 104 -38.95 -3.76 -16.25
C LYS C 104 -38.74 -4.05 -17.75
N GLU C 105 -39.50 -4.99 -18.27
CA GLU C 105 -39.30 -5.48 -19.62
C GLU C 105 -40.12 -4.69 -20.65
N ASN C 106 -39.63 -4.70 -21.88
CA ASN C 106 -40.35 -4.12 -23.00
C ASN C 106 -40.82 -2.72 -22.68
N VAL C 107 -39.88 -1.85 -22.32
CA VAL C 107 -40.20 -0.44 -22.09
C VAL C 107 -39.90 0.37 -23.35
N TRP C 108 -38.63 0.42 -23.76
CA TRP C 108 -38.23 1.32 -24.86
C TRP C 108 -38.92 1.00 -26.20
N THR C 109 -39.34 2.05 -26.91
CA THR C 109 -40.00 1.86 -28.20
C THR C 109 -39.15 2.36 -29.36
N ASP C 110 -38.00 2.95 -29.07
CA ASP C 110 -37.08 3.33 -30.13
C ASP C 110 -36.38 2.07 -30.61
N ARG C 111 -36.77 1.58 -31.78
CA ARG C 111 -36.32 0.27 -32.24
C ARG C 111 -34.84 0.20 -32.63
N ASN C 112 -34.25 1.35 -32.94
CA ASN C 112 -32.81 1.43 -33.10
C ASN C 112 -32.11 1.20 -31.78
N PHE C 113 -32.61 1.83 -30.72
CA PHE C 113 -32.02 1.67 -29.38
C PHE C 113 -32.12 0.22 -28.92
N THR C 114 -33.32 -0.34 -28.99
CA THR C 114 -33.56 -1.69 -28.46
C THR C 114 -32.76 -2.75 -29.20
N ALA C 115 -32.61 -2.58 -30.52
CA ALA C 115 -31.78 -3.49 -31.31
C ALA C 115 -30.34 -3.44 -30.83
N ALA C 116 -29.82 -2.24 -30.64
CA ALA C 116 -28.44 -2.01 -30.19
C ALA C 116 -28.19 -2.39 -28.72
N PHE C 117 -29.20 -2.18 -27.87
CA PHE C 117 -29.07 -2.51 -26.45
C PHE C 117 -30.19 -3.42 -25.96
N SER C 118 -31.25 -2.87 -25.39
CA SER C 118 -32.43 -3.68 -25.08
C SER C 118 -33.69 -2.83 -24.86
N GLY C 119 -34.81 -3.48 -24.57
CA GLY C 119 -36.02 -2.78 -24.21
C GLY C 119 -36.22 -2.77 -22.71
N ASN C 120 -35.19 -3.13 -21.96
CA ASN C 120 -35.32 -3.28 -20.51
C ASN C 120 -34.96 -2.00 -19.75
N GLU C 121 -35.84 -1.61 -18.83
CA GLU C 121 -35.59 -0.45 -17.97
C GLU C 121 -35.09 -0.88 -16.59
N LEU C 122 -34.02 -0.25 -16.14
CA LEU C 122 -33.41 -0.54 -14.85
C LEU C 122 -34.18 0.11 -13.69
N ILE C 123 -34.61 -0.72 -12.74
CA ILE C 123 -35.44 -0.27 -11.62
C ILE C 123 -34.68 -0.15 -10.29
N ALA C 124 -33.81 -1.12 -10.00
CA ALA C 124 -33.08 -1.08 -8.73
C ALA C 124 -31.89 -2.03 -8.74
N ILE C 125 -30.89 -1.71 -7.92
CA ILE C 125 -29.74 -2.58 -7.73
C ILE C 125 -29.47 -2.80 -6.25
N THR C 126 -29.42 -4.06 -5.83
CA THR C 126 -29.13 -4.36 -4.44
C THR C 126 -27.99 -5.38 -4.31
N THR C 127 -27.35 -5.40 -3.13
CA THR C 127 -26.19 -6.25 -2.90
C THR C 127 -26.56 -7.64 -2.38
N CYS C 128 -25.61 -8.57 -2.54
CA CYS C 128 -25.82 -9.98 -2.24
C CYS C 128 -24.70 -10.52 -1.36
N THR C 129 -25.04 -11.38 -0.39
CA THR C 129 -24.01 -11.91 0.49
C THR C 129 -23.80 -13.41 0.31
N SER C 130 -24.74 -14.06 -0.37
CA SER C 130 -24.54 -15.44 -0.76
C SER C 130 -25.47 -15.76 -1.93
N SER C 131 -25.32 -16.94 -2.51
CA SER C 131 -26.12 -17.34 -3.67
C SER C 131 -27.59 -17.35 -3.29
N ASP C 132 -27.84 -17.31 -1.99
CA ASP C 132 -29.20 -17.34 -1.46
C ASP C 132 -29.76 -15.94 -1.27
N TYR C 133 -29.05 -15.13 -0.48
CA TYR C 133 -29.57 -13.83 -0.07
C TYR C 133 -29.03 -12.61 -0.84
N CYS C 134 -29.97 -11.88 -1.43
CA CYS C 134 -29.75 -10.51 -1.88
C CYS C 134 -30.79 -9.62 -1.19
N MET C 135 -30.44 -8.36 -0.95
CA MET C 135 -31.32 -7.45 -0.26
C MET C 135 -32.55 -7.11 -1.13
N GLY C 136 -33.67 -6.75 -0.50
CA GLY C 136 -34.85 -6.35 -1.26
C GLY C 136 -35.91 -7.44 -1.39
N PRO C 137 -37.07 -7.08 -1.93
CA PRO C 137 -38.21 -8.01 -2.00
C PRO C 137 -37.95 -9.15 -2.97
N THR C 138 -38.50 -10.31 -2.62
CA THR C 138 -38.45 -11.50 -3.48
C THR C 138 -39.88 -12.02 -3.67
N LEU C 139 -40.06 -12.98 -4.55
CA LEU C 139 -41.40 -13.53 -4.79
C LEU C 139 -41.64 -14.90 -4.16
N ASN D 22 -6.00 41.58 6.25
CA ASN D 22 -6.08 40.13 6.07
C ASN D 22 -7.48 39.67 5.70
N MET D 23 -7.62 38.41 5.32
CA MET D 23 -8.92 37.92 4.87
C MET D 23 -9.90 37.76 6.03
N ALA D 24 -11.05 38.41 5.90
CA ALA D 24 -12.08 38.28 6.91
C ALA D 24 -12.34 36.81 7.16
N ASP D 25 -12.33 36.42 8.43
CA ASP D 25 -12.70 35.05 8.82
C ASP D 25 -11.61 33.98 8.65
N TYR D 26 -10.38 34.41 8.36
CA TYR D 26 -9.25 33.47 8.19
C TYR D 26 -8.18 33.62 9.27
N ASN D 27 -8.53 34.28 10.38
CA ASN D 27 -7.56 34.54 11.44
C ASN D 27 -7.47 33.42 12.47
N THR D 28 -8.38 32.44 12.37
CA THR D 28 -8.48 31.37 13.36
C THR D 28 -8.35 30.00 12.70
N TYR D 29 -7.31 29.26 13.06
CA TYR D 29 -7.05 27.98 12.40
C TYR D 29 -6.18 27.05 13.26
N GLN D 30 -6.22 25.77 12.95
CA GLN D 30 -5.25 24.82 13.49
C GLN D 30 -4.49 24.18 12.35
N SER D 31 -3.16 24.19 12.43
CA SER D 31 -2.35 23.63 11.34
C SER D 31 -1.86 22.24 11.70
N ASN D 32 -1.68 21.41 10.69
CA ASN D 32 -1.13 20.08 10.88
C ASN D 32 -1.93 19.23 11.87
N VAL D 33 -3.25 19.24 11.68
CA VAL D 33 -4.09 18.26 12.36
C VAL D 33 -4.54 17.24 11.32
N GLN D 34 -5.15 16.16 11.78
CA GLN D 34 -5.77 15.21 10.88
C GLN D 34 -7.26 15.11 11.19
N ILE D 35 -8.05 14.78 10.19
CA ILE D 35 -9.46 14.51 10.39
C ILE D 35 -9.58 13.01 10.67
N ASN D 36 -9.86 12.65 11.92
CA ASN D 36 -9.99 11.23 12.26
C ASN D 36 -11.43 10.72 12.52
N ASN D 37 -12.39 11.63 12.42
CA ASN D 37 -13.81 11.25 12.45
C ASN D 37 -14.68 12.21 11.61
N LEU D 38 -15.78 11.69 11.11
CA LEU D 38 -16.67 12.46 10.27
C LEU D 38 -18.09 12.14 10.69
N SER D 39 -18.90 13.18 10.87
CA SER D 39 -20.33 13.03 11.09
C SER D 39 -21.13 13.70 9.97
N TYR D 40 -22.14 13.02 9.45
CA TYR D 40 -23.08 13.63 8.50
C TYR D 40 -24.52 13.25 8.84
N GLY D 41 -25.42 14.23 8.81
CA GLY D 41 -26.81 13.97 9.14
C GLY D 41 -27.80 15.04 8.73
N VAL D 42 -29.07 14.75 8.95
CA VAL D 42 -30.12 15.71 8.73
C VAL D 42 -30.76 16.06 10.07
N TYR D 43 -31.25 17.29 10.19
CA TYR D 43 -31.67 17.81 11.48
C TYR D 43 -32.52 19.06 11.34
N ARG D 44 -33.58 19.14 12.13
CA ARG D 44 -34.41 20.35 12.17
C ARG D 44 -33.87 21.26 13.25
N SER D 45 -33.56 22.50 12.86
CA SER D 45 -33.05 23.45 13.83
C SER D 45 -33.72 24.79 13.59
N GLY D 46 -34.10 25.45 14.66
CA GLY D 46 -34.98 26.60 14.53
C GLY D 46 -36.19 26.07 13.82
N ASP D 47 -36.57 26.71 12.72
CA ASP D 47 -37.72 26.24 11.95
C ASP D 47 -37.30 25.62 10.63
N LYS D 48 -36.00 25.38 10.45
CA LYS D 48 -35.48 24.96 9.14
C LYS D 48 -35.07 23.50 9.07
N GLU D 49 -35.36 22.86 7.95
CA GLU D 49 -34.84 21.53 7.68
C GLU D 49 -33.39 21.62 7.16
N SER D 50 -32.42 21.09 7.91
CA SER D 50 -31.02 21.31 7.55
C SER D 50 -30.23 20.02 7.34
N GLN D 51 -29.06 20.17 6.72
CA GLN D 51 -28.03 19.15 6.66
C GLN D 51 -26.84 19.73 7.38
N PHE D 52 -26.07 18.87 8.05
CA PHE D 52 -24.85 19.30 8.70
C PHE D 52 -23.83 18.20 8.52
N PHE D 53 -22.57 18.56 8.64
CA PHE D 53 -21.57 17.56 8.86
C PHE D 53 -20.54 18.21 9.77
N CYS D 54 -19.75 17.38 10.44
CA CYS D 54 -18.74 17.83 11.37
C CYS D 54 -17.52 16.97 11.16
N VAL D 55 -16.35 17.59 11.28
CA VAL D 55 -15.10 16.85 11.33
C VAL D 55 -14.63 16.80 12.78
N GLY D 56 -14.05 15.66 13.15
CA GLY D 56 -13.44 15.50 14.45
C GLY D 56 -11.95 15.44 14.20
N LEU D 57 -11.18 16.14 15.02
CA LEU D 57 -9.77 16.34 14.77
C LEU D 57 -8.86 15.70 15.81
N LYS D 58 -7.70 15.21 15.35
CA LYS D 58 -6.59 14.84 16.20
C LYS D 58 -5.33 15.51 15.67
N ARG D 59 -4.35 15.68 16.54
CA ARG D 59 -3.02 16.07 16.10
C ARG D 59 -2.05 14.97 16.51
N GLY D 60 -1.90 13.98 15.64
CA GLY D 60 -1.12 12.81 15.99
C GLY D 60 -1.99 11.94 16.87
N SER D 61 -1.61 11.83 18.14
CA SER D 61 -2.37 11.02 19.09
C SER D 61 -3.11 11.89 20.10
N GLN D 62 -2.77 13.18 20.13
CA GLN D 62 -3.41 14.10 21.06
C GLN D 62 -4.68 14.69 20.46
N VAL D 63 -5.58 15.14 21.33
CA VAL D 63 -6.72 15.91 20.89
C VAL D 63 -6.36 17.39 20.97
N PRO D 64 -6.69 18.17 19.94
CA PRO D 64 -6.39 19.61 20.02
C PRO D 64 -7.45 20.41 20.79
N ASN D 65 -7.14 21.66 21.15
CA ASN D 65 -8.08 22.53 21.86
C ASN D 65 -9.47 22.44 21.24
N VAL D 66 -9.56 22.93 20.01
CA VAL D 66 -10.75 22.81 19.18
C VAL D 66 -10.62 21.51 18.39
N HIS D 67 -11.59 20.61 18.56
CA HIS D 67 -11.48 19.27 17.98
C HIS D 67 -12.68 18.94 17.10
N THR D 68 -13.73 19.76 17.18
CA THR D 68 -14.95 19.51 16.42
C THR D 68 -15.43 20.75 15.69
N ILE D 69 -15.56 20.63 14.37
CA ILE D 69 -15.85 21.74 13.46
C ILE D 69 -16.93 21.32 12.46
N CYS D 70 -17.94 22.17 12.29
CA CYS D 70 -19.14 21.77 11.57
C CYS D 70 -19.54 22.76 10.47
N LYS D 71 -20.28 22.28 9.49
CA LYS D 71 -20.86 23.16 8.48
C LYS D 71 -22.31 22.76 8.24
N ILE D 72 -23.17 23.77 8.07
CA ILE D 72 -24.60 23.52 7.92
C ILE D 72 -25.12 24.25 6.68
N ASP D 73 -25.89 23.54 5.87
CA ASP D 73 -26.29 24.08 4.56
C ASP D 73 -27.08 25.37 4.64
N VAL D 74 -28.02 25.45 5.58
CA VAL D 74 -28.94 26.58 5.65
C VAL D 74 -28.75 27.51 6.84
N PHE D 75 -27.63 27.36 7.56
CA PHE D 75 -27.28 28.27 8.66
C PHE D 75 -25.79 28.55 8.61
N GLY D 76 -25.38 29.71 9.13
CA GLY D 76 -23.97 29.99 9.32
C GLY D 76 -23.54 31.34 8.77
N THR D 77 -22.30 31.70 9.08
CA THR D 77 -21.67 32.90 8.51
C THR D 77 -21.57 32.78 6.98
N HIS D 78 -21.45 31.55 6.47
CA HIS D 78 -21.29 31.33 5.03
C HIS D 78 -22.01 30.06 4.64
N LYS D 79 -23.18 30.21 4.03
CA LYS D 79 -24.04 29.07 3.74
C LYS D 79 -23.63 28.35 2.46
N GLN D 80 -22.86 29.04 1.62
CA GLN D 80 -22.44 28.48 0.34
C GLN D 80 -21.43 27.37 0.56
N GLY D 81 -21.26 26.52 -0.46
CA GLY D 81 -20.24 25.49 -0.49
C GLY D 81 -20.43 24.26 0.40
N PHE D 82 -21.67 23.91 0.74
CA PHE D 82 -21.89 22.74 1.58
C PHE D 82 -21.42 21.43 0.94
N ASP D 83 -21.91 21.12 -0.24
CA ASP D 83 -21.49 19.89 -0.94
C ASP D 83 -19.96 19.86 -1.17
N ASN D 84 -19.39 20.97 -1.61
CA ASN D 84 -17.96 21.00 -1.91
C ASN D 84 -17.11 20.91 -0.64
N MET D 85 -17.61 21.48 0.45
CA MET D 85 -16.91 21.37 1.73
C MET D 85 -17.02 19.96 2.29
N LEU D 86 -18.20 19.35 2.17
CA LEU D 86 -18.35 17.94 2.58
C LEU D 86 -17.42 17.03 1.77
N ALA D 87 -17.46 17.16 0.45
CA ALA D 87 -16.61 16.38 -0.43
C ALA D 87 -15.14 16.52 -0.03
N THR D 88 -14.73 17.73 0.29
CA THR D 88 -13.35 17.99 0.67
C THR D 88 -12.98 17.34 2.01
N ALA D 89 -13.85 17.50 3.02
CA ALA D 89 -13.63 16.87 4.32
C ALA D 89 -13.49 15.38 4.15
N ARG D 90 -14.43 14.78 3.43
CA ARG D 90 -14.44 13.33 3.30
C ARG D 90 -13.15 12.87 2.63
N TYR D 91 -12.67 13.66 1.69
CA TYR D 91 -11.44 13.31 1.01
C TYR D 91 -10.26 13.21 1.99
N TYR D 92 -10.17 14.17 2.91
CA TYR D 92 -9.03 14.28 3.81
C TYR D 92 -9.19 13.28 4.94
N TYR D 93 -10.44 12.95 5.24
CA TYR D 93 -10.74 11.85 6.14
C TYR D 93 -10.22 10.54 5.55
N ALA D 94 -10.45 10.35 4.26
CA ALA D 94 -9.98 9.14 3.57
C ALA D 94 -8.47 9.02 3.57
N THR D 95 -7.75 10.12 3.39
CA THR D 95 -6.31 10.03 3.28
C THR D 95 -5.62 10.14 4.64
N GLY D 96 -6.24 10.87 5.57
CA GLY D 96 -5.69 11.05 6.89
C GLY D 96 -4.49 11.97 6.86
N GLU D 97 -4.42 12.81 5.84
CA GLU D 97 -3.27 13.69 5.70
C GLU D 97 -3.35 14.90 6.63
N ASP D 98 -2.20 15.53 6.85
CA ASP D 98 -2.11 16.77 7.60
C ASP D 98 -2.86 17.89 6.86
N VAL D 99 -3.86 18.46 7.52
CA VAL D 99 -4.49 19.64 6.93
C VAL D 99 -4.39 20.80 7.90
N ARG D 100 -4.57 22.01 7.36
CA ARG D 100 -4.79 23.17 8.20
C ARG D 100 -6.27 23.46 8.09
N ILE D 101 -6.93 23.73 9.21
CA ILE D 101 -8.36 24.02 9.18
C ILE D 101 -8.67 25.42 9.70
N TYR D 102 -9.35 26.21 8.87
CA TYR D 102 -9.80 27.54 9.26
C TYR D 102 -11.26 27.41 9.72
N TYR D 103 -11.58 28.08 10.81
CA TYR D 103 -12.91 27.95 11.38
C TYR D 103 -13.32 29.21 12.12
N LYS D 104 -14.60 29.33 12.41
CA LYS D 104 -15.12 30.48 13.15
C LYS D 104 -15.74 29.96 14.45
N GLU D 105 -15.29 30.49 15.60
CA GLU D 105 -15.80 30.01 16.88
C GLU D 105 -17.14 30.62 17.23
N ASN D 106 -17.85 29.98 18.16
CA ASN D 106 -19.10 30.52 18.71
C ASN D 106 -20.08 31.02 17.65
N VAL D 107 -20.39 30.17 16.67
CA VAL D 107 -21.31 30.54 15.61
C VAL D 107 -22.71 29.96 15.88
N TRP D 108 -22.77 28.66 16.11
CA TRP D 108 -24.06 27.99 16.26
C TRP D 108 -24.69 28.37 17.58
N THR D 109 -25.97 28.72 17.54
CA THR D 109 -26.68 29.16 18.74
C THR D 109 -27.69 28.10 19.19
N ASP D 110 -27.84 27.05 18.40
CA ASP D 110 -28.65 25.92 18.81
C ASP D 110 -27.89 25.08 19.85
N ARG D 111 -28.29 25.21 21.10
CA ARG D 111 -27.53 24.65 22.21
C ARG D 111 -27.62 23.13 22.30
N ASN D 112 -28.61 22.54 21.65
CA ASN D 112 -28.61 21.10 21.54
C ASN D 112 -27.56 20.64 20.50
N PHE D 113 -27.36 21.44 19.45
CA PHE D 113 -26.35 21.11 18.45
C PHE D 113 -24.95 21.26 19.03
N THR D 114 -24.70 22.41 19.66
CA THR D 114 -23.37 22.68 20.18
C THR D 114 -22.96 21.65 21.23
N ALA D 115 -23.92 21.25 22.07
CA ALA D 115 -23.61 20.27 23.11
C ALA D 115 -23.30 18.90 22.52
N ALA D 116 -23.90 18.59 21.38
CA ALA D 116 -23.67 17.31 20.71
C ALA D 116 -22.40 17.35 19.86
N PHE D 117 -22.11 18.52 19.29
CA PHE D 117 -20.93 18.68 18.45
C PHE D 117 -20.10 19.88 18.90
N SER D 118 -20.35 21.04 18.30
CA SER D 118 -19.72 22.26 18.81
C SER D 118 -20.39 23.48 18.22
N GLY D 119 -19.89 24.66 18.58
CA GLY D 119 -20.35 25.89 17.97
C GLY D 119 -19.35 26.48 16.98
N ASN D 120 -18.45 25.64 16.47
CA ASN D 120 -17.43 26.10 15.53
C ASN D 120 -17.87 25.90 14.09
N GLU D 121 -17.76 26.95 13.28
CA GLU D 121 -18.11 26.86 11.86
C GLU D 121 -16.88 26.68 10.97
N LEU D 122 -16.96 25.71 10.09
CA LEU D 122 -15.89 25.36 9.18
C LEU D 122 -15.77 26.38 8.03
N ILE D 123 -14.60 26.99 7.90
CA ILE D 123 -14.40 28.04 6.92
C ILE D 123 -13.60 27.59 5.70
N ALA D 124 -12.53 26.81 5.92
CA ALA D 124 -11.67 26.36 4.81
C ALA D 124 -10.77 25.22 5.25
N ILE D 125 -10.35 24.41 4.28
CA ILE D 125 -9.40 23.35 4.55
C ILE D 125 -8.31 23.43 3.49
N THR D 126 -7.06 23.52 3.94
CA THR D 126 -5.93 23.57 3.03
C THR D 126 -4.97 22.44 3.38
N THR D 127 -4.03 22.13 2.49
CA THR D 127 -3.16 20.98 2.68
C THR D 127 -1.81 21.38 3.27
N CYS D 128 -1.02 20.39 3.64
CA CYS D 128 0.27 20.61 4.28
C CYS D 128 1.37 19.73 3.67
N THR D 129 2.48 20.34 3.26
CA THR D 129 3.57 19.56 2.67
C THR D 129 4.66 19.24 3.69
N SER D 130 4.62 19.93 4.83
CA SER D 130 5.55 19.68 5.92
C SER D 130 4.97 20.14 7.25
N SER D 131 5.57 19.67 8.35
CA SER D 131 5.13 20.08 9.68
C SER D 131 5.43 21.56 9.90
N ASP D 132 5.99 22.20 8.88
CA ASP D 132 6.37 23.61 8.96
C ASP D 132 5.50 24.48 8.06
N TYR D 133 4.86 23.86 7.07
CA TYR D 133 4.11 24.61 6.08
C TYR D 133 2.75 23.99 5.73
N CYS D 134 1.71 24.79 5.85
CA CYS D 134 0.42 24.47 5.23
C CYS D 134 0.07 25.64 4.33
N MET D 135 -0.67 25.38 3.26
CA MET D 135 -1.07 26.44 2.34
C MET D 135 -2.07 27.37 3.02
N GLY D 136 -2.08 28.66 2.63
CA GLY D 136 -3.05 29.61 3.14
C GLY D 136 -2.45 30.67 4.06
N PRO D 137 -3.23 31.72 4.37
CA PRO D 137 -2.74 32.84 5.18
C PRO D 137 -2.51 32.52 6.66
N THR D 138 -1.50 33.16 7.24
CA THR D 138 -1.10 32.90 8.62
C THR D 138 -0.82 34.21 9.34
N LEU D 139 -0.90 34.19 10.66
CA LEU D 139 -0.65 35.40 11.45
C LEU D 139 0.68 35.33 12.21
N ASN E 22 -5.42 31.38 -32.29
CA ASN E 22 -5.32 30.57 -31.08
C ASN E 22 -6.55 30.74 -30.21
N MET E 23 -6.70 29.86 -29.22
CA MET E 23 -7.82 29.96 -28.31
C MET E 23 -7.61 31.13 -27.36
N ALA E 24 -8.59 32.03 -27.30
CA ALA E 24 -8.55 33.12 -26.34
C ALA E 24 -8.33 32.62 -24.92
N ASP E 25 -7.33 33.16 -24.24
CA ASP E 25 -7.02 32.83 -22.84
C ASP E 25 -6.21 31.56 -22.65
N TYR E 26 -5.64 31.04 -23.74
CA TYR E 26 -4.90 29.79 -23.63
C TYR E 26 -3.44 29.93 -24.02
N ASN E 27 -2.92 31.16 -23.96
CA ASN E 27 -1.54 31.41 -24.33
C ASN E 27 -0.61 31.56 -23.12
N THR E 28 -1.18 31.47 -21.91
CA THR E 28 -0.41 31.54 -20.68
C THR E 28 -0.46 30.20 -19.91
N TYR E 29 0.63 29.45 -19.90
CA TYR E 29 0.62 28.14 -19.22
C TYR E 29 1.96 27.69 -18.67
N GLN E 30 1.91 26.67 -17.82
CA GLN E 30 3.12 26.01 -17.33
C GLN E 30 2.92 24.50 -17.49
N SER E 31 3.78 23.88 -18.29
CA SER E 31 3.71 22.44 -18.57
C SER E 31 4.57 21.62 -17.62
N ASN E 32 4.23 20.35 -17.46
CA ASN E 32 5.00 19.44 -16.62
C ASN E 32 5.23 19.96 -15.21
N VAL E 33 4.15 20.44 -14.60
CA VAL E 33 4.15 20.77 -13.19
C VAL E 33 3.31 19.74 -12.44
N GLN E 34 3.52 19.64 -11.14
CA GLN E 34 2.69 18.78 -10.33
C GLN E 34 1.87 19.64 -9.35
N ILE E 35 0.60 19.33 -9.19
CA ILE E 35 -0.20 19.99 -8.14
C ILE E 35 0.13 19.37 -6.79
N ASN E 36 0.85 20.10 -5.93
CA ASN E 36 1.30 19.54 -4.66
C ASN E 36 0.63 20.11 -3.42
N ASN E 37 -0.28 21.08 -3.61
CA ASN E 37 -1.08 21.63 -2.51
C ASN E 37 -2.44 22.02 -3.03
N LEU E 38 -3.43 22.04 -2.13
CA LEU E 38 -4.78 22.36 -2.51
C LEU E 38 -5.42 23.11 -1.34
N SER E 39 -6.14 24.18 -1.67
CA SER E 39 -6.91 24.95 -0.72
C SER E 39 -8.34 25.06 -1.22
N TYR E 40 -9.30 24.88 -0.32
CA TYR E 40 -10.71 25.13 -0.60
C TYR E 40 -11.35 25.82 0.61
N GLY E 41 -12.09 26.90 0.36
CA GLY E 41 -12.76 27.60 1.44
C GLY E 41 -13.95 28.43 0.97
N VAL E 42 -14.68 28.98 1.93
CA VAL E 42 -15.72 29.95 1.60
C VAL E 42 -15.22 31.30 2.09
N TYR E 43 -15.78 32.39 1.57
CA TYR E 43 -15.19 33.71 1.79
C TYR E 43 -16.07 34.82 1.22
N ARG E 44 -16.10 35.94 1.93
CA ARG E 44 -16.86 37.11 1.49
C ARG E 44 -15.90 38.14 0.94
N SER E 45 -16.15 38.55 -0.31
CA SER E 45 -15.33 39.54 -1.00
C SER E 45 -16.23 40.48 -1.77
N GLY E 46 -15.92 41.77 -1.71
CA GLY E 46 -16.70 42.76 -2.44
C GLY E 46 -18.19 42.61 -2.13
N ASP E 47 -18.49 42.24 -0.89
CA ASP E 47 -19.88 42.10 -0.45
C ASP E 47 -20.63 40.99 -1.20
N LYS E 48 -19.89 39.99 -1.68
CA LYS E 48 -20.49 38.80 -2.27
C LYS E 48 -19.96 37.56 -1.58
N GLU E 49 -20.85 36.58 -1.39
CA GLU E 49 -20.48 35.34 -0.71
C GLU E 49 -19.93 34.38 -1.74
N SER E 50 -18.67 33.99 -1.58
CA SER E 50 -18.01 33.18 -2.60
C SER E 50 -17.41 31.88 -2.06
N GLN E 51 -17.17 30.95 -2.98
CA GLN E 51 -16.35 29.78 -2.73
C GLN E 51 -15.12 30.00 -3.57
N PHE E 52 -13.98 29.46 -3.13
CA PHE E 52 -12.79 29.47 -3.96
C PHE E 52 -11.98 28.22 -3.69
N PHE E 53 -11.14 27.85 -4.65
CA PHE E 53 -10.08 26.88 -4.39
C PHE E 53 -8.83 27.32 -5.13
N CYS E 54 -7.69 26.88 -4.62
CA CYS E 54 -6.39 27.24 -5.19
C CYS E 54 -5.53 25.98 -5.27
N VAL E 55 -4.81 25.82 -6.38
CA VAL E 55 -3.85 24.75 -6.49
C VAL E 55 -2.49 25.37 -6.25
N GLY E 56 -1.59 24.62 -5.62
CA GLY E 56 -0.22 25.04 -5.46
C GLY E 56 0.62 24.10 -6.31
N LEU E 57 1.65 24.64 -6.94
CA LEU E 57 2.41 23.87 -7.93
C LEU E 57 3.86 23.67 -7.55
N LYS E 58 4.43 22.56 -8.00
CA LYS E 58 5.85 22.35 -7.94
C LYS E 58 6.27 21.82 -9.30
N ARG E 59 7.56 21.88 -9.58
CA ARG E 59 8.10 21.16 -10.73
C ARG E 59 9.30 20.38 -10.25
N GLY E 60 9.08 19.10 -9.97
CA GLY E 60 10.11 18.28 -9.37
C GLY E 60 10.50 18.89 -8.04
N SER E 61 11.79 19.14 -7.83
CA SER E 61 12.26 19.70 -6.57
C SER E 61 12.11 21.23 -6.55
N GLN E 62 11.70 21.80 -7.67
CA GLN E 62 11.63 23.25 -7.80
C GLN E 62 10.20 23.79 -7.70
N VAL E 63 10.09 25.10 -7.53
CA VAL E 63 8.81 25.78 -7.53
C VAL E 63 8.73 26.77 -8.69
N PRO E 64 7.82 26.53 -9.64
CA PRO E 64 7.67 27.37 -10.83
C PRO E 64 7.46 28.84 -10.50
N ASN E 65 7.61 29.69 -11.52
CA ASN E 65 7.49 31.14 -11.37
C ASN E 65 6.16 31.56 -10.75
N VAL E 66 5.08 31.03 -11.30
CA VAL E 66 3.77 31.22 -10.70
C VAL E 66 3.34 29.89 -10.09
N HIS E 67 3.25 29.84 -8.76
CA HIS E 67 2.99 28.56 -8.08
C HIS E 67 1.60 28.43 -7.47
N THR E 68 0.81 29.49 -7.50
CA THR E 68 -0.53 29.44 -6.94
C THR E 68 -1.59 29.98 -7.89
N ILE E 69 -2.51 29.10 -8.29
CA ILE E 69 -3.56 29.47 -9.24
C ILE E 69 -4.93 29.14 -8.61
N CYS E 70 -5.87 30.07 -8.75
CA CYS E 70 -7.13 30.01 -8.03
C CYS E 70 -8.35 30.09 -8.94
N LYS E 71 -9.48 29.56 -8.46
CA LYS E 71 -10.75 29.76 -9.12
C LYS E 71 -11.83 30.13 -8.08
N ILE E 72 -12.76 30.98 -8.47
CA ILE E 72 -13.73 31.53 -7.54
C ILE E 72 -15.10 31.49 -8.18
N ASP E 73 -16.10 30.97 -7.46
CA ASP E 73 -17.38 30.67 -8.11
C ASP E 73 -18.15 31.88 -8.66
N VAL E 74 -18.11 33.01 -7.96
CA VAL E 74 -18.92 34.18 -8.34
C VAL E 74 -18.11 35.35 -8.87
N PHE E 75 -16.81 35.16 -9.07
CA PHE E 75 -15.97 36.20 -9.68
C PHE E 75 -15.09 35.56 -10.75
N GLY E 76 -14.53 36.39 -11.63
CA GLY E 76 -13.59 35.91 -12.62
C GLY E 76 -13.99 36.11 -14.07
N THR E 77 -13.03 35.85 -14.96
CA THR E 77 -13.19 35.98 -16.40
C THR E 77 -14.11 34.89 -16.92
N HIS E 78 -14.06 33.73 -16.28
CA HIS E 78 -14.96 32.63 -16.62
C HIS E 78 -15.51 32.01 -15.35
N LYS E 79 -16.77 32.32 -15.03
CA LYS E 79 -17.32 31.88 -13.76
C LYS E 79 -17.87 30.46 -13.79
N GLN E 80 -18.09 29.95 -15.00
CA GLN E 80 -18.58 28.59 -15.19
C GLN E 80 -17.54 27.52 -14.78
N GLY E 81 -18.02 26.30 -14.53
CA GLY E 81 -17.15 25.17 -14.28
C GLY E 81 -16.46 25.12 -12.93
N PHE E 82 -17.03 25.76 -11.91
CA PHE E 82 -16.39 25.76 -10.60
C PHE E 82 -16.31 24.34 -9.99
N ASP E 83 -17.42 23.61 -9.99
CA ASP E 83 -17.43 22.26 -9.44
C ASP E 83 -16.57 21.30 -10.27
N ASN E 84 -16.65 21.40 -11.60
CA ASN E 84 -15.85 20.54 -12.47
C ASN E 84 -14.34 20.83 -12.42
N MET E 85 -13.96 22.11 -12.35
CA MET E 85 -12.56 22.46 -12.19
C MET E 85 -12.02 21.93 -10.84
N LEU E 86 -12.77 22.16 -9.77
CA LEU E 86 -12.39 21.69 -8.43
C LEU E 86 -12.20 20.19 -8.39
N ALA E 87 -13.19 19.46 -8.89
CA ALA E 87 -13.08 18.01 -8.97
C ALA E 87 -11.87 17.59 -9.80
N THR E 88 -11.59 18.32 -10.88
CA THR E 88 -10.46 18.02 -11.75
C THR E 88 -9.15 18.25 -11.00
N ALA E 89 -9.05 19.40 -10.34
CA ALA E 89 -7.85 19.73 -9.62
C ALA E 89 -7.65 18.78 -8.43
N ARG E 90 -8.74 18.40 -7.76
CA ARG E 90 -8.60 17.45 -6.66
C ARG E 90 -8.03 16.11 -7.14
N TYR E 91 -8.50 15.64 -8.30
CA TYR E 91 -8.00 14.40 -8.90
C TYR E 91 -6.49 14.44 -9.12
N TYR E 92 -5.98 15.55 -9.65
CA TYR E 92 -4.57 15.64 -9.97
C TYR E 92 -3.73 15.94 -8.74
N TYR E 93 -4.36 16.55 -7.74
CA TYR E 93 -3.71 16.64 -6.44
C TYR E 93 -3.50 15.20 -5.94
N ALA E 94 -4.54 14.38 -6.07
CA ALA E 94 -4.48 13.01 -5.62
C ALA E 94 -3.34 12.24 -6.32
N THR E 95 -3.25 12.31 -7.65
CA THR E 95 -2.23 11.53 -8.35
C THR E 95 -0.84 12.17 -8.37
N GLY E 96 -0.76 13.48 -8.18
CA GLY E 96 0.53 14.15 -8.26
C GLY E 96 1.20 13.99 -9.62
N GLU E 97 0.39 13.73 -10.65
CA GLU E 97 0.95 13.46 -11.98
C GLU E 97 1.31 14.73 -12.77
N ASP E 98 2.05 14.55 -13.86
CA ASP E 98 2.45 15.68 -14.71
C ASP E 98 1.29 16.34 -15.45
N VAL E 99 1.13 17.63 -15.25
CA VAL E 99 0.06 18.34 -15.93
C VAL E 99 0.57 19.63 -16.54
N ARG E 100 -0.26 20.21 -17.40
CA ARG E 100 -0.08 21.58 -17.87
C ARG E 100 -1.23 22.43 -17.31
N ILE E 101 -0.87 23.56 -16.70
CA ILE E 101 -1.89 24.45 -16.14
C ILE E 101 -1.99 25.71 -17.01
N TYR E 102 -3.18 25.96 -17.56
CA TYR E 102 -3.46 27.22 -18.25
C TYR E 102 -4.14 28.13 -17.26
N TYR E 103 -3.69 29.38 -17.23
CA TYR E 103 -4.20 30.34 -16.26
C TYR E 103 -4.14 31.73 -16.87
N LYS E 104 -4.78 32.69 -16.20
CA LYS E 104 -4.75 34.07 -16.61
C LYS E 104 -4.22 34.85 -15.41
N GLU E 105 -3.31 35.79 -15.65
CA GLU E 105 -2.59 36.43 -14.57
C GLU E 105 -3.25 37.70 -14.07
N ASN E 106 -3.10 37.95 -12.78
CA ASN E 106 -3.55 39.20 -12.15
C ASN E 106 -5.03 39.55 -12.40
N VAL E 107 -5.90 38.56 -12.28
CA VAL E 107 -7.35 38.77 -12.36
C VAL E 107 -7.98 39.27 -11.05
N TRP E 108 -7.68 38.63 -9.93
CA TRP E 108 -8.29 39.01 -8.63
C TRP E 108 -7.78 40.36 -8.12
N THR E 109 -8.69 41.21 -7.66
CA THR E 109 -8.35 42.55 -7.18
C THR E 109 -8.49 42.72 -5.66
N ASP E 110 -9.05 41.70 -4.99
CA ASP E 110 -9.13 41.72 -3.54
C ASP E 110 -7.74 41.44 -2.98
N ARG E 111 -7.09 42.47 -2.48
CA ARG E 111 -5.68 42.37 -2.08
C ARG E 111 -5.48 41.46 -0.87
N ASN E 112 -6.51 41.36 -0.02
CA ASN E 112 -6.47 40.40 1.07
C ASN E 112 -6.27 39.00 0.50
N PHE E 113 -7.07 38.68 -0.50
CA PHE E 113 -7.04 37.35 -1.11
C PHE E 113 -5.74 37.12 -1.87
N THR E 114 -5.27 38.12 -2.63
CA THR E 114 -4.08 37.91 -3.45
C THR E 114 -2.81 37.77 -2.61
N ALA E 115 -2.73 38.53 -1.52
CA ALA E 115 -1.58 38.41 -0.62
C ALA E 115 -1.56 37.05 0.09
N ALA E 116 -2.74 36.46 0.27
CA ALA E 116 -2.88 35.18 0.96
C ALA E 116 -2.71 34.02 -0.01
N PHE E 117 -3.20 34.22 -1.22
CA PHE E 117 -3.16 33.18 -2.25
C PHE E 117 -2.50 33.74 -3.51
N SER E 118 -3.27 34.08 -4.52
CA SER E 118 -2.71 34.75 -5.69
C SER E 118 -3.77 35.53 -6.45
N GLY E 119 -3.34 36.18 -7.52
CA GLY E 119 -4.26 36.92 -8.35
C GLY E 119 -4.55 36.19 -9.64
N ASN E 120 -4.04 34.96 -9.76
CA ASN E 120 -4.17 34.18 -10.98
C ASN E 120 -5.46 33.35 -11.03
N GLU E 121 -6.12 33.35 -12.19
CA GLU E 121 -7.33 32.55 -12.38
C GLU E 121 -7.08 31.28 -13.19
N LEU E 122 -7.60 30.16 -12.71
CA LEU E 122 -7.42 28.87 -13.36
C LEU E 122 -8.31 28.74 -14.60
N ILE E 123 -7.68 28.40 -15.74
CA ILE E 123 -8.39 28.32 -17.02
C ILE E 123 -8.60 26.88 -17.52
N ALA E 124 -7.55 26.05 -17.41
CA ALA E 124 -7.62 24.65 -17.82
C ALA E 124 -6.50 23.83 -17.18
N ILE E 125 -6.70 22.51 -17.13
CA ILE E 125 -5.64 21.61 -16.73
C ILE E 125 -5.69 20.44 -17.68
N THR E 126 -4.53 20.07 -18.24
CA THR E 126 -4.42 18.93 -19.15
C THR E 126 -3.26 18.02 -18.72
N THR E 127 -3.32 16.75 -19.14
CA THR E 127 -2.32 15.77 -18.72
C THR E 127 -1.12 15.69 -19.67
N CYS E 128 0.01 15.21 -19.17
CA CYS E 128 1.23 15.10 -19.96
C CYS E 128 1.65 13.63 -20.06
N THR E 129 2.11 13.22 -21.24
CA THR E 129 2.61 11.87 -21.43
C THR E 129 4.11 11.82 -21.20
N SER E 130 4.77 12.95 -21.46
CA SER E 130 6.20 13.06 -21.26
C SER E 130 6.57 14.54 -21.25
N SER E 131 7.86 14.85 -21.12
CA SER E 131 8.31 16.23 -21.01
C SER E 131 8.27 16.95 -22.36
N ASP E 132 7.93 16.22 -23.41
CA ASP E 132 7.81 16.81 -24.74
C ASP E 132 6.38 17.23 -25.03
N TYR E 133 5.43 16.43 -24.56
CA TYR E 133 4.05 16.60 -24.96
C TYR E 133 3.04 16.63 -23.80
N CYS E 134 2.30 17.73 -23.74
CA CYS E 134 1.09 17.81 -22.93
C CYS E 134 -0.06 18.11 -23.89
N MET E 135 -1.27 17.77 -23.49
CA MET E 135 -2.43 17.96 -24.35
C MET E 135 -2.81 19.43 -24.41
N GLY E 136 -3.34 19.86 -25.55
CA GLY E 136 -3.84 21.22 -25.69
C GLY E 136 -2.98 22.14 -26.52
N PRO E 137 -3.42 23.39 -26.66
CA PRO E 137 -2.72 24.34 -27.55
C PRO E 137 -1.40 24.81 -26.95
N THR E 138 -0.37 24.89 -27.77
CA THR E 138 0.92 25.37 -27.34
C THR E 138 1.44 26.47 -28.27
N LEU E 139 2.36 27.29 -27.76
CA LEU E 139 2.98 28.30 -28.59
C LEU E 139 4.18 27.72 -29.37
N PRO E 140 4.35 28.15 -30.63
CA PRO E 140 5.44 27.67 -31.48
C PRO E 140 6.81 28.14 -30.98
N ASN F 22 16.11 0.51 -24.74
CA ASN F 22 15.43 0.33 -23.46
C ASN F 22 15.24 -1.13 -23.05
N MET F 23 15.12 -1.35 -21.74
CA MET F 23 14.98 -2.70 -21.20
C MET F 23 13.54 -3.21 -21.22
N ALA F 24 13.34 -4.42 -21.74
CA ALA F 24 12.04 -5.11 -21.64
C ALA F 24 11.49 -5.23 -20.19
N ASP F 25 10.26 -4.74 -20.01
CA ASP F 25 9.53 -4.81 -18.74
C ASP F 25 9.97 -3.71 -17.80
N TYR F 26 10.66 -2.70 -18.34
CA TYR F 26 11.11 -1.58 -17.52
C TYR F 26 10.53 -0.25 -17.97
N ASN F 27 9.39 -0.32 -18.65
CA ASN F 27 8.74 0.87 -19.20
C ASN F 27 7.48 1.33 -18.45
N THR F 28 7.15 0.65 -17.36
CA THR F 28 6.00 1.02 -16.52
C THR F 28 6.48 1.19 -15.09
N TYR F 29 6.55 2.44 -14.64
CA TYR F 29 7.12 2.72 -13.33
C TYR F 29 6.50 3.96 -12.69
N GLN F 30 6.62 4.04 -11.37
CA GLN F 30 6.25 5.23 -10.61
C GLN F 30 7.47 5.68 -9.81
N SER F 31 7.80 6.96 -9.90
CA SER F 31 9.05 7.46 -9.31
C SER F 31 8.76 8.27 -8.06
N ASN F 32 9.70 8.25 -7.13
CA ASN F 32 9.54 9.02 -5.90
C ASN F 32 8.22 8.70 -5.20
N VAL F 33 7.96 7.41 -5.03
CA VAL F 33 6.88 6.95 -4.17
C VAL F 33 7.50 6.34 -2.91
N GLN F 34 6.67 6.05 -1.91
CA GLN F 34 7.16 5.34 -0.74
C GLN F 34 6.35 4.07 -0.57
N ILE F 35 7.02 3.01 -0.14
CA ILE F 35 6.29 1.80 0.23
C ILE F 35 5.73 1.96 1.65
N ASN F 36 4.42 2.14 1.75
CA ASN F 36 3.76 2.42 3.02
C ASN F 36 2.89 1.29 3.58
N ASN F 37 2.79 0.18 2.86
CA ASN F 37 2.14 -1.04 3.36
C ASN F 37 2.81 -2.28 2.78
N LEU F 38 2.69 -3.40 3.48
CA LEU F 38 3.26 -4.66 3.06
C LEU F 38 2.24 -5.78 3.35
N SER F 39 2.12 -6.73 2.42
CA SER F 39 1.39 -7.97 2.68
C SER F 39 2.33 -9.15 2.43
N TYR F 40 2.33 -10.14 3.33
CA TYR F 40 2.93 -11.43 3.04
C TYR F 40 1.97 -12.54 3.47
N GLY F 41 1.85 -13.57 2.65
CA GLY F 41 0.95 -14.68 2.94
C GLY F 41 1.21 -15.94 2.12
N VAL F 42 0.62 -17.04 2.56
CA VAL F 42 0.64 -18.28 1.80
C VAL F 42 -0.79 -18.63 1.40
N TYR F 43 -0.93 -19.40 0.34
CA TYR F 43 -2.25 -19.76 -0.17
C TYR F 43 -2.10 -20.76 -1.31
N ARG F 44 -3.21 -21.38 -1.67
CA ARG F 44 -3.23 -22.36 -2.74
C ARG F 44 -3.99 -21.76 -3.91
N SER F 45 -3.31 -21.60 -5.03
CA SER F 45 -3.91 -21.04 -6.23
C SER F 45 -3.90 -22.10 -7.32
N GLY F 46 -5.05 -22.72 -7.54
CA GLY F 46 -5.13 -23.88 -8.42
C GLY F 46 -4.72 -25.09 -7.63
N ASP F 47 -3.72 -25.81 -8.13
CA ASP F 47 -3.17 -26.93 -7.39
C ASP F 47 -1.71 -26.66 -7.02
N LYS F 48 -1.36 -25.39 -6.87
CA LYS F 48 0.01 -25.01 -6.52
C LYS F 48 0.06 -24.26 -5.20
N GLU F 49 0.81 -24.80 -4.24
CA GLU F 49 1.00 -24.10 -2.98
C GLU F 49 1.91 -22.90 -3.20
N SER F 50 1.48 -21.73 -2.75
CA SER F 50 2.15 -20.49 -3.13
C SER F 50 2.50 -19.60 -1.96
N GLN F 51 3.51 -18.77 -2.17
CA GLN F 51 3.76 -17.61 -1.33
C GLN F 51 3.52 -16.38 -2.19
N PHE F 52 3.11 -15.30 -1.55
CA PHE F 52 3.00 -14.05 -2.26
C PHE F 52 3.35 -12.93 -1.31
N PHE F 53 3.85 -11.82 -1.84
CA PHE F 53 3.82 -10.58 -1.07
C PHE F 53 3.40 -9.42 -1.99
N CYS F 54 2.97 -8.34 -1.38
CA CYS F 54 2.55 -7.17 -2.12
C CYS F 54 3.12 -5.99 -1.37
N VAL F 55 3.45 -4.94 -2.10
CA VAL F 55 3.81 -3.67 -1.47
C VAL F 55 2.65 -2.73 -1.73
N GLY F 56 2.30 -1.90 -0.73
CA GLY F 56 1.34 -0.84 -0.92
C GLY F 56 2.10 0.48 -1.06
N LEU F 57 1.67 1.32 -1.99
CA LEU F 57 2.38 2.57 -2.26
C LEU F 57 1.61 3.82 -1.85
N LYS F 58 2.34 4.81 -1.37
CA LYS F 58 1.79 6.14 -1.19
C LYS F 58 2.73 7.07 -1.94
N ARG F 59 2.31 8.31 -2.16
CA ARG F 59 3.22 9.28 -2.74
C ARG F 59 3.13 10.54 -1.91
N GLY F 60 4.05 10.66 -0.97
CA GLY F 60 3.92 11.64 0.09
C GLY F 60 2.71 11.28 0.93
N SER F 61 1.66 12.09 0.86
CA SER F 61 0.45 11.84 1.65
C SER F 61 -0.69 11.33 0.76
N GLN F 62 -0.39 11.10 -0.51
CA GLN F 62 -1.40 10.60 -1.44
C GLN F 62 -1.19 9.12 -1.75
N VAL F 63 -2.23 8.48 -2.30
CA VAL F 63 -2.18 7.09 -2.70
C VAL F 63 -2.41 6.97 -4.20
N PRO F 64 -1.39 6.52 -4.97
CA PRO F 64 -1.53 6.47 -6.44
C PRO F 64 -2.65 5.55 -6.91
N ASN F 65 -3.03 5.69 -8.18
CA ASN F 65 -4.10 4.89 -8.79
C ASN F 65 -3.75 3.41 -8.74
N VAL F 66 -2.55 3.08 -9.20
CA VAL F 66 -1.97 1.75 -9.06
C VAL F 66 -1.12 1.77 -7.80
N HIS F 67 -1.62 1.15 -6.74
CA HIS F 67 -1.02 1.35 -5.42
C HIS F 67 -0.63 0.06 -4.72
N THR F 68 -1.05 -1.06 -5.29
CA THR F 68 -0.66 -2.38 -4.79
C THR F 68 0.06 -3.14 -5.88
N ILE F 69 1.30 -3.56 -5.58
CA ILE F 69 2.10 -4.33 -6.53
C ILE F 69 2.58 -5.61 -5.83
N CYS F 70 2.42 -6.76 -6.50
CA CYS F 70 2.64 -8.05 -5.87
C CYS F 70 3.66 -8.92 -6.63
N LYS F 71 4.28 -9.86 -5.91
CA LYS F 71 5.10 -10.90 -6.51
C LYS F 71 4.70 -12.26 -5.92
N ILE F 72 4.79 -13.32 -6.74
CA ILE F 72 4.40 -14.65 -6.30
C ILE F 72 5.50 -15.66 -6.63
N ASP F 73 5.75 -16.61 -5.74
CA ASP F 73 6.95 -17.44 -5.90
C ASP F 73 6.87 -18.41 -7.09
N VAL F 74 5.71 -19.02 -7.28
CA VAL F 74 5.57 -20.00 -8.35
C VAL F 74 4.65 -19.51 -9.49
N PHE F 75 4.50 -18.20 -9.63
CA PHE F 75 3.69 -17.64 -10.70
C PHE F 75 4.30 -16.34 -11.21
N GLY F 76 3.88 -15.92 -12.40
CA GLY F 76 4.26 -14.62 -12.93
C GLY F 76 5.15 -14.69 -14.16
N THR F 77 5.48 -13.53 -14.71
CA THR F 77 6.38 -13.45 -15.86
C THR F 77 7.86 -13.64 -15.46
N HIS F 78 8.19 -13.33 -14.21
CA HIS F 78 9.52 -13.57 -13.65
C HIS F 78 9.41 -14.18 -12.25
N LYS F 79 9.52 -15.51 -12.17
CA LYS F 79 9.30 -16.23 -10.91
C LYS F 79 10.50 -16.19 -9.97
N GLN F 80 11.66 -15.86 -10.52
CA GLN F 80 12.90 -15.79 -9.76
C GLN F 80 12.92 -14.60 -8.82
N GLY F 81 13.81 -14.63 -7.84
CA GLY F 81 14.02 -13.49 -6.96
C GLY F 81 13.00 -13.24 -5.85
N PHE F 82 12.08 -14.16 -5.62
CA PHE F 82 11.06 -13.94 -4.59
C PHE F 82 11.62 -13.48 -3.25
N ASP F 83 12.59 -14.22 -2.71
CA ASP F 83 13.11 -13.91 -1.38
C ASP F 83 13.86 -12.60 -1.34
N ASN F 84 14.67 -12.36 -2.36
CA ASN F 84 15.41 -11.11 -2.44
C ASN F 84 14.49 -9.91 -2.63
N MET F 85 13.47 -10.07 -3.48
CA MET F 85 12.57 -8.95 -3.71
C MET F 85 11.82 -8.64 -2.40
N LEU F 86 11.33 -9.69 -1.74
CA LEU F 86 10.72 -9.53 -0.40
C LEU F 86 11.60 -8.77 0.59
N ALA F 87 12.85 -9.21 0.76
CA ALA F 87 13.77 -8.52 1.69
C ALA F 87 14.03 -7.07 1.30
N THR F 88 14.15 -6.83 -0.01
CA THR F 88 14.34 -5.51 -0.56
C THR F 88 13.15 -4.60 -0.24
N ALA F 89 11.95 -5.08 -0.56
CA ALA F 89 10.72 -4.33 -0.27
C ALA F 89 10.60 -4.04 1.22
N ARG F 90 10.92 -5.01 2.08
CA ARG F 90 10.77 -4.82 3.51
C ARG F 90 11.76 -3.79 3.99
N TYR F 91 12.95 -3.78 3.39
CA TYR F 91 13.95 -2.76 3.74
C TYR F 91 13.40 -1.35 3.48
N TYR F 92 12.82 -1.12 2.30
CA TYR F 92 12.27 0.20 1.97
C TYR F 92 11.00 0.54 2.74
N TYR F 93 10.17 -0.46 3.03
CA TYR F 93 9.05 -0.25 3.95
C TYR F 93 9.58 0.30 5.27
N ALA F 94 10.69 -0.26 5.77
CA ALA F 94 11.21 0.12 7.07
C ALA F 94 11.80 1.55 7.10
N THR F 95 12.50 1.93 6.03
CA THR F 95 13.07 3.28 5.97
C THR F 95 12.06 4.34 5.48
N GLY F 96 11.09 3.93 4.67
CA GLY F 96 10.09 4.85 4.15
C GLY F 96 10.66 5.78 3.09
N GLU F 97 11.86 5.47 2.61
CA GLU F 97 12.55 6.38 1.71
C GLU F 97 11.93 6.44 0.32
N ASP F 98 12.30 7.44 -0.47
CA ASP F 98 11.83 7.56 -1.86
C ASP F 98 12.42 6.47 -2.75
N VAL F 99 11.55 5.75 -3.44
CA VAL F 99 11.98 4.73 -4.39
C VAL F 99 11.22 4.88 -5.71
N ARG F 100 11.74 4.24 -6.75
CA ARG F 100 11.00 4.06 -7.99
C ARG F 100 10.59 2.60 -8.05
N ILE F 101 9.30 2.33 -8.32
CA ILE F 101 8.85 0.96 -8.46
C ILE F 101 8.59 0.67 -9.94
N TYR F 102 9.25 -0.37 -10.47
CA TYR F 102 8.97 -0.83 -11.83
C TYR F 102 7.98 -1.99 -11.75
N TYR F 103 6.99 -2.01 -12.64
CA TYR F 103 6.02 -3.10 -12.59
C TYR F 103 5.38 -3.43 -13.92
N LYS F 104 4.71 -4.57 -13.95
CA LYS F 104 4.02 -5.03 -15.14
C LYS F 104 2.55 -5.20 -14.78
N GLU F 105 1.67 -4.59 -15.56
CA GLU F 105 0.24 -4.57 -15.26
C GLU F 105 -0.53 -5.72 -15.90
N ASN F 106 -1.59 -6.17 -15.24
CA ASN F 106 -2.44 -7.23 -15.77
C ASN F 106 -1.77 -8.59 -15.99
N VAL F 107 -1.03 -9.06 -14.99
CA VAL F 107 -0.35 -10.34 -15.10
C VAL F 107 -1.19 -11.48 -14.54
N TRP F 108 -1.64 -11.33 -13.30
CA TRP F 108 -2.25 -12.44 -12.57
C TRP F 108 -3.62 -12.79 -13.15
N THR F 109 -3.79 -14.07 -13.49
CA THR F 109 -5.04 -14.57 -14.05
C THR F 109 -6.02 -14.95 -12.94
N ASP F 110 -5.48 -15.55 -11.87
CA ASP F 110 -6.25 -15.88 -10.69
C ASP F 110 -7.09 -14.67 -10.25
N ARG F 111 -8.39 -14.71 -10.57
CA ARG F 111 -9.27 -13.58 -10.28
C ARG F 111 -9.59 -13.47 -8.80
N ASN F 112 -9.34 -14.54 -8.04
CA ASN F 112 -9.49 -14.48 -6.60
C ASN F 112 -8.37 -13.65 -5.98
N PHE F 113 -7.14 -13.92 -6.40
CA PHE F 113 -6.00 -13.14 -5.91
C PHE F 113 -6.13 -11.67 -6.32
N THR F 114 -6.51 -11.44 -7.57
CA THR F 114 -6.58 -10.11 -8.13
C THR F 114 -7.63 -9.24 -7.45
N ALA F 115 -8.71 -9.86 -6.99
CA ALA F 115 -9.76 -9.14 -6.28
C ALA F 115 -9.26 -8.67 -4.93
N ALA F 116 -8.58 -9.57 -4.21
CA ALA F 116 -8.10 -9.27 -2.86
C ALA F 116 -6.92 -8.31 -2.83
N PHE F 117 -6.03 -8.41 -3.82
CA PHE F 117 -4.86 -7.56 -3.90
C PHE F 117 -4.82 -6.76 -5.23
N SER F 118 -4.02 -7.19 -6.20
CA SER F 118 -4.02 -6.55 -7.53
C SER F 118 -3.61 -7.50 -8.65
N GLY F 119 -3.55 -6.99 -9.87
CA GLY F 119 -3.06 -7.79 -10.98
C GLY F 119 -1.65 -7.42 -11.43
N ASN F 120 -1.00 -6.56 -10.64
CA ASN F 120 0.31 -6.00 -11.00
C ASN F 120 1.49 -6.81 -10.46
N GLU F 121 2.48 -7.07 -11.32
CA GLU F 121 3.66 -7.81 -10.92
C GLU F 121 4.85 -6.89 -10.69
N LEU F 122 5.48 -7.06 -9.53
CA LEU F 122 6.64 -6.28 -9.13
C LEU F 122 7.89 -6.68 -9.91
N ILE F 123 8.49 -5.73 -10.60
CA ILE F 123 9.63 -5.99 -11.47
C ILE F 123 10.93 -5.50 -10.85
N ALA F 124 10.89 -4.33 -10.23
CA ALA F 124 12.12 -3.82 -9.63
C ALA F 124 11.87 -2.64 -8.71
N ILE F 125 12.82 -2.41 -7.81
CA ILE F 125 12.78 -1.26 -6.91
C ILE F 125 14.14 -0.60 -6.90
N THR F 126 14.19 0.71 -7.12
CA THR F 126 15.46 1.43 -7.08
C THR F 126 15.34 2.66 -6.18
N THR F 127 16.46 3.17 -5.71
CA THR F 127 16.42 4.29 -4.79
C THR F 127 16.47 5.62 -5.55
N CYS F 128 16.01 6.68 -4.89
CA CYS F 128 16.03 8.01 -5.46
C CYS F 128 16.90 8.91 -4.58
N THR F 129 17.61 9.86 -5.18
CA THR F 129 18.42 10.77 -4.38
C THR F 129 17.80 12.16 -4.33
N SER F 130 16.81 12.39 -5.18
CA SER F 130 16.07 13.65 -5.16
C SER F 130 14.72 13.48 -5.83
N SER F 131 13.91 14.52 -5.75
CA SER F 131 12.61 14.57 -6.40
C SER F 131 12.80 14.57 -7.93
N ASP F 132 14.04 14.72 -8.37
CA ASP F 132 14.34 14.83 -9.79
C ASP F 132 14.99 13.56 -10.38
N TYR F 133 15.68 12.78 -9.55
CA TYR F 133 16.40 11.61 -10.05
C TYR F 133 16.24 10.36 -9.19
N CYS F 134 15.87 9.26 -9.83
CA CYS F 134 15.93 7.94 -9.22
C CYS F 134 16.83 7.08 -10.09
N MET F 135 17.39 6.03 -9.52
CA MET F 135 18.28 5.17 -10.26
C MET F 135 17.49 4.30 -11.22
N GLY F 136 18.10 3.97 -12.36
CA GLY F 136 17.49 3.06 -13.29
C GLY F 136 16.97 3.79 -14.50
N PRO F 137 16.54 3.04 -15.52
CA PRO F 137 16.13 3.59 -16.81
C PRO F 137 14.78 4.30 -16.82
N THR F 138 14.67 5.33 -17.66
CA THR F 138 13.40 5.99 -17.93
C THR F 138 13.10 5.92 -19.43
N LEU F 139 11.91 6.37 -19.85
CA LEU F 139 11.58 6.37 -21.26
C LEU F 139 12.41 7.43 -22.01
N ASN G 22 1.44 -31.79 28.85
CA ASN G 22 2.56 -30.91 28.55
C ASN G 22 3.38 -31.35 27.34
N MET G 23 4.04 -30.39 26.71
CA MET G 23 4.92 -30.67 25.58
C MET G 23 6.21 -31.33 26.05
N ALA G 24 6.61 -32.38 25.34
CA ALA G 24 7.85 -33.11 25.64
C ALA G 24 9.07 -32.24 25.32
N ASP G 25 9.98 -32.11 26.28
CA ASP G 25 11.20 -31.32 26.08
C ASP G 25 11.00 -29.85 26.41
N TYR G 26 9.87 -29.51 27.03
CA TYR G 26 9.57 -28.13 27.34
C TYR G 26 9.39 -27.94 28.85
N ASN G 27 9.81 -28.92 29.63
N ASN G 27 9.84 -28.94 29.58
CA ASN G 27 9.65 -28.85 31.08
CA ASN G 27 9.74 -29.02 31.04
C ASN G 27 10.92 -28.43 31.82
C ASN G 27 10.82 -28.21 31.76
N THR G 28 11.94 -28.00 31.08
CA THR G 28 13.15 -27.46 31.68
C THR G 28 13.48 -26.11 31.09
N TYR G 29 13.15 -25.04 31.83
CA TYR G 29 13.32 -23.70 31.29
C TYR G 29 13.82 -22.71 32.33
N GLN G 30 14.36 -21.60 31.84
CA GLN G 30 14.64 -20.45 32.67
C GLN G 30 13.88 -19.23 32.14
N SER G 31 13.12 -18.59 33.03
CA SER G 31 12.27 -17.47 32.66
C SER G 31 12.88 -16.13 33.04
N ASN G 32 12.62 -15.12 32.23
CA ASN G 32 13.11 -13.78 32.46
C ASN G 32 14.63 -13.68 32.58
N VAL G 33 15.33 -14.43 31.73
CA VAL G 33 16.77 -14.29 31.62
C VAL G 33 17.08 -13.38 30.42
N GLN G 34 18.31 -12.89 30.33
CA GLN G 34 18.74 -12.15 29.15
C GLN G 34 19.88 -12.92 28.53
N ILE G 35 19.92 -12.94 27.21
CA ILE G 35 21.08 -13.49 26.52
C ILE G 35 22.20 -12.46 26.47
N ASN G 36 23.26 -12.74 27.20
CA ASN G 36 24.33 -11.75 27.31
C ASN G 36 25.65 -12.21 26.70
N ASN G 37 25.64 -13.39 26.08
CA ASN G 37 26.83 -13.90 25.40
C ASN G 37 26.41 -14.84 24.30
N LEU G 38 27.25 -14.93 23.27
CA LEU G 38 26.95 -15.74 22.10
C LEU G 38 28.24 -16.32 21.53
N SER G 39 28.15 -17.56 21.07
CA SER G 39 29.24 -18.27 20.42
C SER G 39 28.70 -18.82 19.12
N TYR G 40 29.51 -18.71 18.06
CA TYR G 40 29.24 -19.44 16.82
C TYR G 40 30.54 -20.00 16.25
N GLY G 41 30.51 -21.25 15.80
CA GLY G 41 31.70 -21.85 15.24
C GLY G 41 31.45 -23.11 14.44
N VAL G 42 32.49 -23.57 13.75
CA VAL G 42 32.49 -24.85 13.08
C VAL G 42 33.51 -25.79 13.72
N TYR G 43 33.21 -27.08 13.69
CA TYR G 43 33.87 -28.02 14.57
C TYR G 43 33.64 -29.45 14.12
N ARG G 44 34.70 -30.26 14.14
CA ARG G 44 34.61 -31.65 13.79
C ARG G 44 34.44 -32.46 15.05
N SER G 45 33.46 -33.36 15.07
CA SER G 45 33.13 -34.12 16.28
C SER G 45 32.62 -35.49 15.85
N GLY G 46 33.24 -36.54 16.38
CA GLY G 46 32.84 -37.90 16.05
C GLY G 46 32.82 -38.14 14.56
N ASP G 47 33.83 -37.62 13.87
CA ASP G 47 33.93 -37.76 12.42
C ASP G 47 32.76 -37.11 11.67
N LYS G 48 32.14 -36.11 12.27
CA LYS G 48 31.16 -35.30 11.55
C LYS G 48 31.56 -33.82 11.56
N GLU G 49 31.45 -33.18 10.40
CA GLU G 49 31.62 -31.74 10.31
C GLU G 49 30.34 -31.08 10.82
N SER G 50 30.48 -30.13 11.72
CA SER G 50 29.30 -29.57 12.34
C SER G 50 29.47 -28.09 12.53
N GLN G 51 28.35 -27.39 12.67
CA GLN G 51 28.34 -26.02 13.17
C GLN G 51 27.68 -26.10 14.51
N PHE G 52 28.05 -25.17 15.40
CA PHE G 52 27.35 -25.01 16.66
C PHE G 52 27.21 -23.53 17.01
N PHE G 53 26.28 -23.24 17.90
CA PHE G 53 26.30 -21.97 18.61
C PHE G 53 25.77 -22.17 20.02
N CYS G 54 26.11 -21.25 20.90
CA CYS G 54 25.76 -21.33 22.30
C CYS G 54 25.36 -19.94 22.76
N VAL G 55 24.37 -19.89 23.64
CA VAL G 55 24.00 -18.64 24.29
C VAL G 55 24.50 -18.67 25.73
N GLY G 56 25.01 -17.55 26.23
CA GLY G 56 25.32 -17.40 27.63
C GLY G 56 24.20 -16.57 28.26
N LEU G 57 23.82 -16.88 29.49
CA LEU G 57 22.67 -16.23 30.12
C LEU G 57 23.04 -15.49 31.40
N LYS G 58 22.29 -14.43 31.66
CA LYS G 58 22.28 -13.79 32.97
C LYS G 58 20.83 -13.49 33.30
N ARG G 59 20.57 -13.14 34.55
CA ARG G 59 19.26 -12.63 34.95
C ARG G 59 19.56 -11.34 35.68
N GLY G 60 19.75 -10.26 34.93
CA GLY G 60 20.14 -9.01 35.54
C GLY G 60 21.59 -9.03 36.00
N SER G 61 21.82 -8.77 37.28
CA SER G 61 23.17 -8.79 37.84
C SER G 61 23.62 -10.22 38.11
N GLN G 62 22.64 -11.13 38.08
CA GLN G 62 22.85 -12.52 38.46
C GLN G 62 23.18 -13.42 37.27
N VAL G 63 23.79 -14.56 37.55
CA VAL G 63 24.12 -15.57 36.56
C VAL G 63 23.47 -16.89 36.94
N PRO G 64 22.26 -17.17 36.40
CA PRO G 64 21.35 -18.23 36.84
C PRO G 64 21.95 -19.64 36.96
N ASN G 65 21.07 -20.60 37.26
CA ASN G 65 21.43 -22.01 37.41
C ASN G 65 22.33 -22.51 36.27
N VAL G 66 21.72 -22.66 35.11
CA VAL G 66 22.43 -23.05 33.91
C VAL G 66 22.65 -21.79 33.08
N HIS G 67 23.91 -21.46 32.80
CA HIS G 67 24.20 -20.20 32.13
C HIS G 67 24.65 -20.33 30.67
N THR G 68 24.74 -21.57 30.18
CA THR G 68 25.25 -21.86 28.83
C THR G 68 24.42 -22.96 28.17
N ILE G 69 23.84 -22.67 27.01
CA ILE G 69 23.01 -23.64 26.29
C ILE G 69 23.35 -23.62 24.80
N CYS G 70 23.37 -24.79 24.16
CA CYS G 70 23.98 -24.94 22.84
C CYS G 70 23.10 -25.63 21.81
N LYS G 71 23.37 -25.35 20.54
CA LYS G 71 22.70 -26.03 19.43
C LYS G 71 23.74 -26.38 18.38
N ILE G 72 23.62 -27.58 17.82
CA ILE G 72 24.59 -28.12 16.87
C ILE G 72 23.78 -28.68 15.71
N ASP G 73 24.21 -28.40 14.49
CA ASP G 73 23.35 -28.64 13.33
C ASP G 73 23.17 -30.11 12.99
N VAL G 74 24.19 -30.92 13.25
CA VAL G 74 24.09 -32.33 12.93
C VAL G 74 24.16 -33.24 14.16
N PHE G 75 24.03 -32.68 15.35
CA PHE G 75 23.92 -33.50 16.55
C PHE G 75 22.74 -33.00 17.37
N GLY G 76 22.15 -33.87 18.20
CA GLY G 76 21.14 -33.45 19.16
C GLY G 76 19.84 -34.23 19.10
N THR G 77 18.98 -34.00 20.09
CA THR G 77 17.64 -34.58 20.07
C THR G 77 16.80 -33.89 19.00
N HIS G 78 17.18 -32.67 18.65
CA HIS G 78 16.51 -31.92 17.59
C HIS G 78 17.51 -31.21 16.67
N LYS G 79 17.86 -31.83 15.55
CA LYS G 79 18.84 -31.25 14.64
C LYS G 79 18.27 -30.08 13.81
N GLN G 80 16.96 -30.10 13.58
CA GLN G 80 16.31 -29.08 12.75
C GLN G 80 16.35 -27.69 13.37
N GLY G 81 16.13 -26.67 12.53
CA GLY G 81 16.02 -25.29 12.95
C GLY G 81 17.29 -24.60 13.41
N PHE G 82 18.44 -25.09 12.94
CA PHE G 82 19.71 -24.49 13.33
C PHE G 82 19.81 -23.02 12.95
N ASP G 83 19.58 -22.74 11.66
CA ASP G 83 19.65 -21.36 11.17
C ASP G 83 18.62 -20.42 11.84
N ASN G 84 17.36 -20.85 11.91
CA ASN G 84 16.34 -20.04 12.56
C ASN G 84 16.61 -19.81 14.06
N MET G 85 17.04 -20.85 14.76
CA MET G 85 17.39 -20.69 16.19
C MET G 85 18.55 -19.71 16.34
N LEU G 86 19.53 -19.81 15.45
CA LEU G 86 20.69 -18.92 15.53
C LEU G 86 20.24 -17.46 15.43
N ALA G 87 19.50 -17.16 14.37
CA ALA G 87 19.04 -15.81 14.09
C ALA G 87 18.13 -15.28 15.22
N THR G 88 17.30 -16.16 15.77
CA THR G 88 16.42 -15.78 16.89
C THR G 88 17.29 -15.40 18.09
N ALA G 89 18.28 -16.22 18.41
CA ALA G 89 19.14 -15.91 19.57
C ALA G 89 19.90 -14.62 19.34
N ARG G 90 20.47 -14.45 18.15
CA ARG G 90 21.20 -13.21 17.86
C ARG G 90 20.31 -11.99 18.09
N TYR G 91 19.08 -12.06 17.59
CA TYR G 91 18.15 -10.95 17.80
C TYR G 91 18.00 -10.65 19.30
N TYR G 92 17.74 -11.68 20.10
CA TYR G 92 17.50 -11.44 21.53
C TYR G 92 18.77 -10.99 22.24
N TYR G 93 19.92 -11.40 21.70
CA TYR G 93 21.20 -10.90 22.19
C TYR G 93 21.40 -9.43 21.84
N ALA G 94 20.99 -9.02 20.66
CA ALA G 94 21.07 -7.62 20.28
C ALA G 94 20.11 -6.71 21.07
N THR G 95 18.88 -7.16 21.29
CA THR G 95 17.94 -6.32 22.04
C THR G 95 18.22 -6.43 23.55
N GLY G 96 18.67 -7.59 23.98
CA GLY G 96 18.97 -7.82 25.38
C GLY G 96 17.72 -7.93 26.24
N GLU G 97 16.57 -8.11 25.60
CA GLU G 97 15.29 -8.19 26.32
C GLU G 97 15.12 -9.47 27.15
N ASP G 98 14.08 -9.46 27.97
CA ASP G 98 13.75 -10.61 28.83
C ASP G 98 13.13 -11.70 27.98
N VAL G 99 13.68 -12.90 28.09
CA VAL G 99 13.21 -14.05 27.35
C VAL G 99 13.11 -15.23 28.31
N ARG G 100 12.34 -16.23 27.92
CA ARG G 100 12.40 -17.56 28.54
C ARG G 100 13.14 -18.49 27.61
N ILE G 101 14.09 -19.27 28.15
CA ILE G 101 14.87 -20.24 27.37
C ILE G 101 14.46 -21.65 27.78
N TYR G 102 14.00 -22.46 26.83
CA TYR G 102 13.74 -23.88 27.09
C TYR G 102 14.97 -24.68 26.67
N TYR G 103 15.43 -25.59 27.51
CA TYR G 103 16.62 -26.40 27.22
C TYR G 103 16.50 -27.85 27.72
N LYS G 104 17.29 -28.75 27.12
CA LYS G 104 17.33 -30.14 27.52
C LYS G 104 18.73 -30.44 28.06
N GLU G 105 18.79 -31.10 29.21
CA GLU G 105 20.05 -31.28 29.91
C GLU G 105 20.79 -32.56 29.53
N ASN G 106 22.12 -32.55 29.72
CA ASN G 106 22.92 -33.75 29.57
C ASN G 106 22.79 -34.37 28.18
N VAL G 107 22.87 -33.56 27.14
CA VAL G 107 22.67 -34.06 25.80
C VAL G 107 23.99 -34.41 25.13
N TRP G 108 24.93 -33.48 25.14
CA TRP G 108 26.19 -33.63 24.42
C TRP G 108 27.15 -34.62 25.11
N THR G 109 27.67 -35.56 24.34
CA THR G 109 28.58 -36.56 24.86
C THR G 109 30.04 -36.31 24.50
N ASP G 110 30.30 -35.25 23.73
CA ASP G 110 31.65 -34.86 23.39
C ASP G 110 32.22 -34.05 24.56
N ARG G 111 33.10 -34.68 25.34
CA ARG G 111 33.56 -34.09 26.60
C ARG G 111 34.48 -32.89 26.40
N ASN G 112 35.09 -32.79 25.23
CA ASN G 112 35.86 -31.61 24.89
C ASN G 112 34.94 -30.42 24.74
N PHE G 113 33.80 -30.68 24.08
CA PHE G 113 32.81 -29.66 23.83
C PHE G 113 32.09 -29.26 25.12
N THR G 114 31.71 -30.26 25.92
CA THR G 114 30.94 -29.97 27.12
C THR G 114 31.79 -29.21 28.14
N ALA G 115 33.05 -29.57 28.23
CA ALA G 115 33.95 -28.88 29.15
C ALA G 115 34.15 -27.42 28.74
N ALA G 116 34.22 -27.17 27.43
CA ALA G 116 34.35 -25.81 26.89
C ALA G 116 33.06 -24.99 26.99
N PHE G 117 31.91 -25.65 26.84
CA PHE G 117 30.62 -24.95 26.84
C PHE G 117 29.66 -25.52 27.85
N SER G 118 28.79 -26.44 27.41
CA SER G 118 27.92 -27.19 28.34
C SER G 118 27.35 -28.45 27.71
N GLY G 119 26.63 -29.23 28.51
CA GLY G 119 25.91 -30.39 28.00
C GLY G 119 24.49 -30.08 27.56
N ASN G 120 24.10 -28.81 27.65
CA ASN G 120 22.72 -28.41 27.43
C ASN G 120 22.36 -28.09 25.98
N GLU G 121 21.24 -28.65 25.52
CA GLU G 121 20.73 -28.34 24.19
C GLU G 121 19.59 -27.33 24.21
N LEU G 122 19.64 -26.38 23.28
CA LEU G 122 18.66 -25.32 23.20
C LEU G 122 17.42 -25.81 22.48
N ILE G 123 16.25 -25.59 23.08
CA ILE G 123 15.00 -26.16 22.57
C ILE G 123 14.02 -25.10 22.03
N ALA G 124 13.95 -23.95 22.71
CA ALA G 124 13.06 -22.86 22.27
C ALA G 124 13.40 -21.56 23.00
N ILE G 125 13.05 -20.44 22.37
CA ILE G 125 13.20 -19.14 23.00
C ILE G 125 11.88 -18.36 22.88
N THR G 126 11.34 -17.88 23.99
CA THR G 126 10.11 -17.10 23.94
C THR G 126 10.32 -15.78 24.67
N THR G 127 9.48 -14.80 24.36
CA THR G 127 9.59 -13.46 24.92
C THR G 127 8.75 -13.32 26.18
N CYS G 128 9.08 -12.32 27.00
CA CYS G 128 8.40 -12.10 28.27
C CYS G 128 7.88 -10.66 28.38
N THR G 129 6.65 -10.51 28.83
CA THR G 129 6.07 -9.18 28.94
C THR G 129 6.02 -8.66 30.37
N SER G 130 6.31 -9.52 31.33
CA SER G 130 6.38 -9.12 32.73
C SER G 130 7.20 -10.14 33.48
N SER G 131 7.49 -9.86 34.75
CA SER G 131 8.26 -10.79 35.56
C SER G 131 7.45 -12.06 35.79
N ASP G 132 6.15 -11.96 35.60
CA ASP G 132 5.21 -13.05 35.87
C ASP G 132 4.89 -13.87 34.62
N TYR G 133 5.14 -13.32 33.44
CA TYR G 133 4.68 -13.98 32.22
C TYR G 133 5.69 -14.01 31.08
N CYS G 134 5.89 -15.20 30.54
CA CYS G 134 6.58 -15.39 29.26
C CYS G 134 5.67 -16.27 28.43
N MET G 135 5.72 -16.09 27.11
CA MET G 135 4.90 -16.92 26.25
C MET G 135 5.41 -18.36 26.33
N GLY G 136 4.49 -19.30 26.14
CA GLY G 136 4.86 -20.71 26.12
C GLY G 136 4.51 -21.43 27.41
N PRO G 137 4.47 -22.76 27.36
CA PRO G 137 3.96 -23.60 28.44
C PRO G 137 4.81 -23.53 29.71
N THR G 138 4.15 -23.56 30.85
CA THR G 138 4.84 -23.66 32.11
C THR G 138 4.42 -24.97 32.76
N LEU G 139 5.02 -25.31 33.88
CA LEU G 139 4.55 -26.44 34.68
C LEU G 139 3.23 -26.08 35.39
N ASN H 22 -7.52 -20.40 -4.25
CA ASN H 22 -8.45 -19.32 -3.97
C ASN H 22 -7.99 -18.47 -2.78
N MET H 23 -8.94 -17.76 -2.17
CA MET H 23 -8.66 -16.95 -0.99
C MET H 23 -9.71 -17.20 0.09
N ALA H 24 -10.44 -18.30 -0.01
CA ALA H 24 -11.45 -18.66 1.00
C ALA H 24 -10.77 -18.97 2.34
N ASP H 25 -9.47 -19.19 2.28
CA ASP H 25 -8.65 -19.37 3.46
C ASP H 25 -8.40 -18.05 4.17
N TYR H 26 -8.82 -16.96 3.52
CA TYR H 26 -8.52 -15.61 4.00
C TYR H 26 -9.74 -14.95 4.65
N ASN H 27 -10.75 -15.75 4.99
CA ASN H 27 -11.97 -15.22 5.58
C ASN H 27 -11.88 -15.07 7.10
N THR H 28 -10.78 -15.49 7.69
CA THR H 28 -10.64 -15.43 9.15
C THR H 28 -9.40 -14.65 9.51
N TYR H 29 -9.55 -13.65 10.38
CA TYR H 29 -8.43 -12.78 10.66
C TYR H 29 -8.75 -11.84 11.81
N GLN H 30 -7.71 -11.22 12.35
CA GLN H 30 -7.83 -10.20 13.37
C GLN H 30 -7.20 -8.92 12.85
N SER H 31 -7.98 -7.86 12.79
CA SER H 31 -7.48 -6.59 12.26
C SER H 31 -6.91 -5.71 13.35
N ASN H 32 -5.90 -4.92 13.00
CA ASN H 32 -5.40 -3.91 13.92
C ASN H 32 -5.03 -4.46 15.27
N VAL H 33 -4.23 -5.51 15.24
CA VAL H 33 -3.64 -6.07 16.44
C VAL H 33 -2.15 -5.76 16.36
N GLN H 34 -1.45 -5.98 17.47
CA GLN H 34 0.00 -5.88 17.49
C GLN H 34 0.51 -7.19 18.02
N ILE H 35 1.64 -7.63 17.47
CA ILE H 35 2.32 -8.82 17.95
C ILE H 35 3.20 -8.39 19.10
N ASN H 36 2.80 -8.75 20.32
CA ASN H 36 3.57 -8.33 21.50
C ASN H 36 4.35 -9.46 22.18
N ASN H 37 4.13 -10.70 21.74
CA ASN H 37 4.99 -11.81 22.13
C ASN H 37 5.24 -12.71 20.94
N LEU H 38 6.38 -13.38 20.96
CA LEU H 38 6.81 -14.26 19.89
C LEU H 38 7.44 -15.52 20.49
N SER H 39 7.01 -16.69 20.02
CA SER H 39 7.65 -17.95 20.41
C SER H 39 8.26 -18.69 19.20
N TYR H 40 9.53 -19.12 19.34
CA TYR H 40 10.18 -20.02 18.37
C TYR H 40 10.83 -21.25 19.03
N GLY H 41 10.55 -22.44 18.51
CA GLY H 41 11.13 -23.65 19.05
C GLY H 41 11.20 -24.82 18.08
N VAL H 42 11.84 -25.90 18.53
CA VAL H 42 11.82 -27.16 17.80
C VAL H 42 11.17 -28.17 18.73
N TYR H 43 10.63 -29.22 18.15
CA TYR H 43 9.67 -30.01 18.88
C TYR H 43 9.28 -31.20 18.03
N ARG H 44 9.25 -32.38 18.64
CA ARG H 44 8.77 -33.55 17.95
C ARG H 44 7.25 -33.72 18.15
N SER H 45 6.49 -33.71 17.06
CA SER H 45 5.06 -33.91 17.14
C SER H 45 4.57 -34.89 16.09
N GLY H 46 3.71 -35.82 16.50
CA GLY H 46 3.21 -36.85 15.59
C GLY H 46 4.32 -37.59 14.89
N ASP H 47 5.41 -37.85 15.61
CA ASP H 47 6.54 -38.61 15.06
C ASP H 47 7.36 -37.90 13.97
N LYS H 48 7.18 -36.59 13.82
CA LYS H 48 8.01 -35.80 12.92
C LYS H 48 8.74 -34.73 13.68
N GLU H 49 9.99 -34.48 13.32
CA GLU H 49 10.75 -33.36 13.86
C GLU H 49 10.28 -32.08 13.21
N SER H 50 9.90 -31.09 14.03
CA SER H 50 9.36 -29.86 13.46
C SER H 50 10.03 -28.63 14.03
N GLN H 51 9.87 -27.51 13.35
CA GLN H 51 10.08 -26.19 13.94
C GLN H 51 8.72 -25.54 14.00
N PHE H 52 8.52 -24.64 14.96
CA PHE H 52 7.29 -23.85 14.99
C PHE H 52 7.62 -22.45 15.47
N PHE H 53 6.77 -21.49 15.12
CA PHE H 53 6.73 -20.23 15.84
C PHE H 53 5.27 -19.81 16.06
N CYS H 54 5.03 -19.06 17.13
CA CYS H 54 3.68 -18.59 17.41
C CYS H 54 3.76 -17.11 17.76
N VAL H 55 2.76 -16.35 17.34
CA VAL H 55 2.70 -14.96 17.70
C VAL H 55 1.66 -14.78 18.79
N GLY H 56 1.95 -13.88 19.73
CA GLY H 56 0.99 -13.53 20.76
C GLY H 56 0.50 -12.13 20.48
N LEU H 57 -0.82 -11.94 20.53
CA LEU H 57 -1.44 -10.68 20.09
C LEU H 57 -2.05 -9.85 21.19
N LYS H 58 -2.08 -8.54 20.97
CA LYS H 58 -2.84 -7.63 21.80
C LYS H 58 -3.57 -6.69 20.85
N ARG H 59 -4.60 -6.01 21.33
CA ARG H 59 -5.24 -4.95 20.57
C ARG H 59 -5.29 -3.71 21.44
N GLY H 60 -4.29 -2.85 21.31
CA GLY H 60 -4.08 -1.77 22.24
C GLY H 60 -3.84 -2.40 23.59
N SER H 61 -4.80 -2.23 24.48
CA SER H 61 -4.73 -2.75 25.84
C SER H 61 -5.55 -4.02 25.99
N GLN H 62 -6.29 -4.37 24.96
CA GLN H 62 -7.17 -5.53 25.01
C GLN H 62 -6.48 -6.78 24.48
N VAL H 63 -7.00 -7.94 24.85
CA VAL H 63 -6.57 -9.20 24.27
C VAL H 63 -7.65 -9.66 23.29
N PRO H 64 -7.28 -9.87 22.02
CA PRO H 64 -8.32 -10.21 21.05
C PRO H 64 -8.90 -11.60 21.28
N ASN H 65 -10.01 -11.91 20.60
CA ASN H 65 -10.69 -13.20 20.72
C ASN H 65 -9.73 -14.35 20.51
N VAL H 66 -9.02 -14.30 19.40
CA VAL H 66 -7.95 -15.23 19.12
C VAL H 66 -6.64 -14.46 19.34
N HIS H 67 -5.79 -14.99 20.22
CA HIS H 67 -4.58 -14.24 20.56
C HIS H 67 -3.24 -14.99 20.37
N THR H 68 -3.30 -16.26 19.99
CA THR H 68 -2.07 -17.01 19.68
C THR H 68 -2.24 -17.74 18.36
N ILE H 69 -1.33 -17.46 17.42
CA ILE H 69 -1.40 -18.00 16.07
C ILE H 69 -0.01 -18.56 15.73
N CYS H 70 0.04 -19.74 15.13
CA CYS H 70 1.30 -20.46 15.02
C CYS H 70 1.52 -20.95 13.60
N LYS H 71 2.79 -21.08 13.22
CA LYS H 71 3.13 -21.72 11.95
C LYS H 71 4.12 -22.84 12.21
N ILE H 72 3.95 -23.96 11.52
CA ILE H 72 4.81 -25.13 11.73
C ILE H 72 5.32 -25.65 10.38
N ASP H 73 6.62 -25.97 10.33
CA ASP H 73 7.29 -26.23 9.06
C ASP H 73 6.83 -27.48 8.31
N VAL H 74 6.53 -28.57 9.03
CA VAL H 74 6.21 -29.84 8.39
C VAL H 74 4.76 -30.26 8.60
N PHE H 75 3.96 -29.34 9.14
CA PHE H 75 2.56 -29.62 9.43
C PHE H 75 1.77 -28.38 9.00
N GLY H 76 0.49 -28.56 8.68
CA GLY H 76 -0.40 -27.44 8.41
C GLY H 76 -1.03 -27.47 7.03
N THR H 77 -2.00 -26.59 6.81
CA THR H 77 -2.68 -26.56 5.51
C THR H 77 -1.75 -26.01 4.44
N HIS H 78 -0.84 -25.13 4.85
CA HIS H 78 0.15 -24.57 3.93
C HIS H 78 1.53 -24.63 4.57
N LYS H 79 2.34 -25.59 4.16
CA LYS H 79 3.62 -25.82 4.82
C LYS H 79 4.72 -24.90 4.30
N GLN H 80 4.47 -24.29 3.15
CA GLN H 80 5.43 -23.41 2.53
C GLN H 80 5.55 -22.09 3.28
N GLY H 81 6.67 -21.41 3.07
CA GLY H 81 6.81 -20.05 3.53
C GLY H 81 7.18 -19.91 5.00
N PHE H 82 7.73 -20.98 5.57
CA PHE H 82 8.06 -20.96 7.00
C PHE H 82 9.07 -19.90 7.36
N ASP H 83 10.22 -19.90 6.68
CA ASP H 83 11.25 -18.91 6.98
C ASP H 83 10.79 -17.48 6.70
N ASN H 84 10.08 -17.27 5.59
CA ASN H 84 9.62 -15.90 5.30
C ASN H 84 8.58 -15.37 6.30
N MET H 85 7.67 -16.23 6.73
CA MET H 85 6.64 -15.83 7.67
C MET H 85 7.27 -15.48 9.00
N LEU H 86 8.26 -16.28 9.41
CA LEU H 86 8.98 -16.05 10.66
C LEU H 86 9.71 -14.72 10.60
N ALA H 87 10.48 -14.49 9.54
CA ALA H 87 11.15 -13.19 9.38
C ALA H 87 10.15 -12.02 9.40
N THR H 88 9.02 -12.21 8.71
CA THR H 88 7.97 -11.18 8.67
C THR H 88 7.41 -10.90 10.06
N ALA H 89 7.06 -11.95 10.80
CA ALA H 89 6.53 -11.78 12.15
C ALA H 89 7.55 -11.12 13.07
N ARG H 90 8.81 -11.54 13.02
CA ARG H 90 9.83 -10.95 13.90
C ARG H 90 9.99 -9.46 13.65
N TYR H 91 9.93 -9.05 12.39
CA TYR H 91 10.01 -7.63 12.09
C TYR H 91 8.83 -6.87 12.75
N TYR H 92 7.62 -7.42 12.68
CA TYR H 92 6.45 -6.75 13.30
C TYR H 92 6.46 -6.88 14.84
N TYR H 93 7.07 -7.93 15.36
CA TYR H 93 7.29 -8.01 16.80
C TYR H 93 8.17 -6.84 17.18
N ALA H 94 9.14 -6.54 16.31
CA ALA H 94 10.15 -5.52 16.59
C ALA H 94 9.56 -4.13 16.58
N THR H 95 8.78 -3.82 15.54
CA THR H 95 8.20 -2.49 15.43
C THR H 95 6.99 -2.32 16.34
N GLY H 96 6.25 -3.41 16.57
CA GLY H 96 5.06 -3.38 17.41
C GLY H 96 3.89 -2.68 16.74
N GLU H 97 3.99 -2.47 15.42
CA GLU H 97 2.98 -1.76 14.65
C GLU H 97 1.68 -2.54 14.46
N ASP H 98 0.66 -1.81 14.03
CA ASP H 98 -0.65 -2.36 13.70
C ASP H 98 -0.61 -3.25 12.47
N VAL H 99 -1.11 -4.48 12.61
CA VAL H 99 -1.19 -5.42 11.51
C VAL H 99 -2.50 -6.16 11.50
N ARG H 100 -2.77 -6.86 10.40
CA ARG H 100 -3.88 -7.79 10.32
C ARG H 100 -3.34 -9.20 10.15
N ILE H 101 -3.89 -10.14 10.91
CA ILE H 101 -3.41 -11.51 10.90
C ILE H 101 -4.47 -12.50 10.44
N TYR H 102 -4.24 -13.13 9.29
CA TYR H 102 -5.15 -14.14 8.76
C TYR H 102 -4.71 -15.51 9.27
N TYR H 103 -5.67 -16.29 9.71
CA TYR H 103 -5.36 -17.62 10.23
C TYR H 103 -6.48 -18.56 9.90
N LYS H 104 -6.22 -19.84 10.12
CA LYS H 104 -7.25 -20.86 10.01
C LYS H 104 -7.39 -21.56 11.35
N GLU H 105 -8.62 -21.67 11.84
CA GLU H 105 -8.90 -22.22 13.16
C GLU H 105 -8.89 -23.74 13.21
N ASN H 106 -8.63 -24.28 14.40
CA ASN H 106 -8.63 -25.73 14.61
C ASN H 106 -7.80 -26.52 13.60
N VAL H 107 -6.56 -26.11 13.36
CA VAL H 107 -5.73 -26.92 12.48
C VAL H 107 -4.95 -27.96 13.28
N TRP H 108 -4.21 -27.49 14.29
CA TRP H 108 -3.30 -28.34 15.04
C TRP H 108 -4.06 -29.31 15.93
N THR H 109 -3.69 -30.59 15.88
CA THR H 109 -4.41 -31.60 16.65
C THR H 109 -3.58 -32.17 17.79
N ASP H 110 -2.32 -31.73 17.90
CA ASP H 110 -1.48 -32.12 19.03
C ASP H 110 -1.96 -31.37 20.27
N ARG H 111 -2.64 -32.08 21.16
CA ARG H 111 -3.31 -31.42 22.26
C ARG H 111 -2.33 -30.85 23.26
N ASN H 112 -1.12 -31.39 23.31
CA ASN H 112 -0.09 -30.78 24.14
C ASN H 112 0.33 -29.42 23.57
N PHE H 113 0.48 -29.35 22.25
CA PHE H 113 0.82 -28.11 21.57
C PHE H 113 -0.31 -27.07 21.64
N THR H 114 -1.55 -27.49 21.45
CA THR H 114 -2.67 -26.53 21.48
C THR H 114 -2.88 -25.90 22.86
N ALA H 115 -2.80 -26.72 23.91
CA ALA H 115 -2.96 -26.22 25.28
C ALA H 115 -1.83 -25.26 25.64
N ALA H 116 -0.64 -25.52 25.10
CA ALA H 116 0.56 -24.70 25.34
C ALA H 116 0.52 -23.42 24.50
N PHE H 117 0.02 -23.54 23.28
CA PHE H 117 -0.11 -22.39 22.41
C PHE H 117 -1.54 -22.25 21.89
N SER H 118 -1.82 -22.83 20.72
CA SER H 118 -3.19 -22.86 20.24
C SER H 118 -3.28 -23.81 19.08
N GLY H 119 -4.47 -23.91 18.50
CA GLY H 119 -4.70 -24.71 17.31
C GLY H 119 -4.80 -23.90 16.02
N ASN H 120 -4.47 -22.61 16.09
CA ASN H 120 -4.58 -21.72 14.92
C ASN H 120 -3.34 -21.71 14.01
N GLU H 121 -3.56 -21.92 12.72
CA GLU H 121 -2.48 -21.80 11.73
C GLU H 121 -2.35 -20.41 11.09
N LEU H 122 -1.16 -19.82 11.19
CA LEU H 122 -0.91 -18.51 10.60
C LEU H 122 -0.88 -18.56 9.06
N ILE H 123 -1.67 -17.68 8.43
CA ILE H 123 -1.88 -17.75 6.99
C ILE H 123 -1.22 -16.58 6.28
N ALA H 124 -1.34 -15.38 6.85
CA ALA H 124 -0.82 -14.15 6.24
C ALA H 124 -0.79 -13.02 7.25
N ILE H 125 0.08 -12.07 7.02
CA ILE H 125 0.17 -10.86 7.82
C ILE H 125 0.25 -9.67 6.89
N THR H 126 -0.64 -8.72 7.09
CA THR H 126 -0.61 -7.48 6.33
C THR H 126 -0.52 -6.30 7.28
N THR H 127 -0.06 -5.16 6.78
CA THR H 127 0.04 -3.96 7.59
C THR H 127 -1.25 -3.13 7.49
N CYS H 128 -1.36 -2.10 8.32
CA CYS H 128 -2.55 -1.25 8.35
C CYS H 128 -2.14 0.22 8.31
N THR H 129 -2.93 1.04 7.63
CA THR H 129 -2.70 2.49 7.64
C THR H 129 -3.42 3.07 8.85
N SER H 130 -4.59 2.52 9.16
CA SER H 130 -5.36 2.99 10.30
C SER H 130 -6.27 1.88 10.79
N SER H 131 -7.02 2.17 11.85
CA SER H 131 -8.00 1.22 12.34
C SER H 131 -9.03 0.91 11.25
N ASP H 132 -9.11 1.77 10.25
CA ASP H 132 -10.11 1.59 9.20
C ASP H 132 -9.60 0.90 7.93
N TYR H 133 -8.30 0.63 7.86
CA TYR H 133 -7.77 -0.09 6.70
C TYR H 133 -6.47 -0.84 6.96
N CYS H 134 -6.46 -2.11 6.57
CA CYS H 134 -5.27 -2.93 6.50
C CYS H 134 -5.39 -3.60 5.14
N MET H 135 -4.26 -3.85 4.47
CA MET H 135 -4.26 -4.51 3.16
C MET H 135 -4.88 -5.88 3.24
N GLY H 136 -5.38 -6.37 2.11
CA GLY H 136 -5.90 -7.72 2.03
C GLY H 136 -7.41 -7.77 2.03
N PRO H 137 -7.98 -8.91 1.63
CA PRO H 137 -9.42 -9.12 1.54
C PRO H 137 -10.08 -9.18 2.92
N THR H 138 -11.29 -8.64 3.03
CA THR H 138 -12.08 -8.75 4.25
C THR H 138 -13.17 -9.79 4.01
N LEU H 139 -13.81 -10.24 5.09
CA LEU H 139 -14.90 -11.19 4.95
C LEU H 139 -16.05 -10.66 4.07
N PRO H 140 -16.39 -9.35 4.22
CA PRO H 140 -17.41 -8.75 3.34
C PRO H 140 -16.98 -8.82 1.87
N ASN H 141 -15.73 -8.46 1.57
CA ASN H 141 -15.22 -8.62 0.20
C ASN H 141 -15.52 -10.01 -0.34
N LEU H 142 -15.12 -11.03 0.42
CA LEU H 142 -15.36 -12.42 0.06
C LEU H 142 -16.85 -12.77 -0.04
N GLU H 143 -17.63 -12.32 0.95
CA GLU H 143 -19.06 -12.62 0.97
C GLU H 143 -19.81 -12.04 -0.24
N HIS H 144 -19.37 -10.88 -0.70
CA HIS H 144 -20.00 -10.26 -1.87
C HIS H 144 -19.35 -10.74 -3.17
N HIS H 145 -18.56 -11.80 -3.04
CA HIS H 145 -17.96 -12.51 -4.18
C HIS H 145 -17.01 -11.64 -5.00
N ASN I 22 49.30 -11.97 -7.20
CA ASN I 22 48.35 -11.12 -7.89
C ASN I 22 46.97 -11.76 -7.98
N MET I 23 45.98 -11.21 -7.28
CA MET I 23 44.61 -11.69 -7.45
C MET I 23 44.05 -11.14 -8.77
N ALA I 24 43.76 -12.04 -9.69
CA ALA I 24 43.58 -11.69 -11.10
C ALA I 24 42.67 -10.49 -11.38
N ASP I 25 41.40 -10.59 -10.99
CA ASP I 25 40.43 -9.55 -11.30
C ASP I 25 40.19 -8.62 -10.12
N TYR I 26 41.24 -8.38 -9.36
CA TYR I 26 41.17 -7.46 -8.24
C TYR I 26 42.03 -6.22 -8.48
N ASN I 27 42.39 -6.00 -9.74
CA ASN I 27 43.24 -4.87 -10.12
C ASN I 27 42.48 -3.57 -10.42
N THR I 28 41.16 -3.64 -10.51
CA THR I 28 40.36 -2.49 -10.89
C THR I 28 39.40 -2.13 -9.75
N TYR I 29 39.63 -1.01 -9.10
CA TYR I 29 38.84 -0.65 -7.92
C TYR I 29 38.77 0.85 -7.67
N GLN I 30 37.79 1.27 -6.87
CA GLN I 30 37.72 2.65 -6.40
C GLN I 30 37.65 2.69 -4.86
N SER I 31 38.53 3.47 -4.25
CA SER I 31 38.64 3.51 -2.80
C SER I 31 37.96 4.73 -2.21
N ASN I 32 37.46 4.59 -0.98
CA ASN I 32 36.78 5.69 -0.29
C ASN I 32 35.62 6.29 -1.08
N VAL I 33 34.72 5.42 -1.50
CA VAL I 33 33.48 5.85 -2.12
C VAL I 33 32.34 5.43 -1.21
N GLN I 34 31.18 6.03 -1.40
CA GLN I 34 29.99 5.60 -0.72
C GLN I 34 29.01 5.06 -1.73
N ILE I 35 28.25 4.06 -1.33
CA ILE I 35 27.14 3.58 -2.12
C ILE I 35 25.95 4.46 -1.74
N ASN I 36 25.49 5.30 -2.68
CA ASN I 36 24.39 6.20 -2.40
C ASN I 36 23.08 5.86 -3.10
N ASN I 37 23.10 4.86 -3.97
CA ASN I 37 21.88 4.34 -4.58
C ASN I 37 21.95 2.85 -4.81
N LEU I 38 20.79 2.22 -4.92
CA LEU I 38 20.74 0.78 -5.11
C LEU I 38 19.59 0.44 -6.01
N SER I 39 19.83 -0.47 -6.94
CA SER I 39 18.75 -0.99 -7.75
C SER I 39 18.71 -2.48 -7.55
N TYR I 40 17.53 -3.06 -7.54
CA TYR I 40 17.38 -4.51 -7.61
C TYR I 40 16.16 -4.80 -8.45
N GLY I 41 16.26 -5.80 -9.31
CA GLY I 41 15.13 -6.18 -10.13
C GLY I 41 15.29 -7.52 -10.84
N VAL I 42 14.25 -7.93 -11.54
CA VAL I 42 14.27 -9.15 -12.33
C VAL I 42 14.14 -8.75 -13.80
N TYR I 43 14.77 -9.51 -14.68
CA TYR I 43 14.94 -9.06 -16.04
C TYR I 43 15.35 -10.22 -16.91
N ARG I 44 14.83 -10.25 -18.14
CA ARG I 44 15.21 -11.29 -19.08
C ARG I 44 16.26 -10.74 -20.05
N SER I 45 17.45 -11.33 -20.01
CA SER I 45 18.55 -10.96 -20.90
C SER I 45 19.05 -12.22 -21.59
N GLY I 46 19.52 -12.10 -22.83
CA GLY I 46 19.71 -13.28 -23.65
C GLY I 46 18.37 -14.01 -23.61
N ASP I 47 18.39 -15.32 -23.44
CA ASP I 47 17.16 -16.04 -23.21
C ASP I 47 17.10 -16.64 -21.81
N LYS I 48 17.58 -15.87 -20.83
CA LYS I 48 17.62 -16.34 -19.45
C LYS I 48 16.93 -15.36 -18.48
N GLU I 49 16.20 -15.91 -17.52
CA GLU I 49 15.59 -15.12 -16.46
C GLU I 49 16.65 -14.83 -15.40
N SER I 50 16.96 -13.56 -15.17
CA SER I 50 17.97 -13.19 -14.19
C SER I 50 17.41 -12.31 -13.05
N GLN I 51 18.21 -12.20 -11.98
CA GLN I 51 18.07 -11.12 -11.02
C GLN I 51 19.33 -10.30 -11.20
N PHE I 52 19.25 -9.01 -10.89
CA PHE I 52 20.44 -8.19 -10.90
C PHE I 52 20.30 -7.15 -9.80
N PHE I 53 21.42 -6.64 -9.35
CA PHE I 53 21.38 -5.43 -8.53
C PHE I 53 22.51 -4.56 -9.00
N CYS I 54 22.38 -3.26 -8.77
CA CYS I 54 23.43 -2.33 -9.17
C CYS I 54 23.65 -1.36 -8.03
N VAL I 55 24.90 -1.04 -7.73
CA VAL I 55 25.17 0.01 -6.77
C VAL I 55 25.52 1.30 -7.52
N GLY I 56 25.03 2.43 -7.00
CA GLY I 56 25.44 3.74 -7.47
C GLY I 56 26.40 4.35 -6.47
N LEU I 57 27.39 5.09 -6.97
CA LEU I 57 28.51 5.49 -6.11
C LEU I 57 28.70 6.99 -6.08
N LYS I 58 29.05 7.50 -4.91
CA LYS I 58 29.55 8.87 -4.80
C LYS I 58 30.89 8.84 -4.09
N ARG I 59 31.60 9.95 -4.15
CA ARG I 59 32.78 10.13 -3.35
C ARG I 59 32.63 11.51 -2.75
N GLY I 60 32.02 11.57 -1.59
CA GLY I 60 31.64 12.84 -0.98
C GLY I 60 30.62 13.54 -1.85
N SER I 61 30.89 14.79 -2.20
CA SER I 61 29.99 15.55 -3.06
C SER I 61 30.25 15.25 -4.54
N GLN I 62 31.33 14.52 -4.80
CA GLN I 62 31.77 14.22 -6.17
C GLN I 62 31.14 12.94 -6.70
N VAL I 63 31.28 12.72 -8.00
CA VAL I 63 30.93 11.43 -8.58
C VAL I 63 32.18 10.84 -9.22
N PRO I 64 32.51 9.60 -8.84
CA PRO I 64 33.68 8.93 -9.42
C PRO I 64 33.50 8.67 -10.92
N ASN I 65 34.59 8.27 -11.58
CA ASN I 65 34.59 7.99 -13.00
C ASN I 65 33.57 6.92 -13.36
N VAL I 66 33.64 5.81 -12.63
CA VAL I 66 32.63 4.77 -12.73
C VAL I 66 31.70 4.89 -11.52
N HIS I 67 30.41 5.02 -11.76
CA HIS I 67 29.49 5.23 -10.65
C HIS I 67 28.41 4.18 -10.56
N THR I 68 28.43 3.24 -11.51
CA THR I 68 27.45 2.17 -11.50
C THR I 68 28.11 0.83 -11.74
N ILE I 69 27.97 -0.05 -10.76
CA ILE I 69 28.53 -1.39 -10.83
C ILE I 69 27.43 -2.38 -10.48
N CYS I 70 27.38 -3.48 -11.24
CA CYS I 70 26.25 -4.41 -11.20
C CYS I 70 26.68 -5.85 -11.03
N LYS I 71 25.79 -6.66 -10.48
CA LYS I 71 26.00 -8.10 -10.32
C LYS I 71 24.73 -8.81 -10.77
N ILE I 72 24.90 -9.92 -11.46
CA ILE I 72 23.76 -10.61 -12.05
C ILE I 72 23.87 -12.10 -11.75
N ASP I 73 22.76 -12.71 -11.36
CA ASP I 73 22.83 -14.06 -10.79
C ASP I 73 23.19 -15.14 -11.79
N VAL I 74 22.81 -14.98 -13.05
CA VAL I 74 23.07 -16.05 -14.03
C VAL I 74 24.01 -15.70 -15.21
N PHE I 75 24.61 -14.50 -15.17
CA PHE I 75 25.61 -14.10 -16.15
C PHE I 75 26.79 -13.47 -15.43
N GLY I 76 27.92 -13.36 -16.11
CA GLY I 76 29.04 -12.63 -15.56
C GLY I 76 30.25 -13.51 -15.39
N THR I 77 31.38 -12.91 -15.03
CA THR I 77 32.59 -13.70 -14.79
C THR I 77 32.51 -14.53 -13.49
N HIS I 78 31.67 -14.11 -12.53
CA HIS I 78 31.39 -14.90 -11.32
C HIS I 78 29.90 -14.89 -10.96
N LYS I 79 29.22 -16.01 -11.22
CA LYS I 79 27.79 -16.13 -10.94
C LYS I 79 27.48 -16.31 -9.45
N GLN I 80 28.44 -16.85 -8.69
CA GLN I 80 28.26 -17.14 -7.26
C GLN I 80 28.20 -15.88 -6.42
N GLY I 81 27.71 -16.03 -5.20
CA GLY I 81 27.64 -14.94 -4.25
C GLY I 81 26.60 -13.86 -4.53
N PHE I 82 25.57 -14.15 -5.31
CA PHE I 82 24.57 -13.11 -5.62
C PHE I 82 23.88 -12.62 -4.35
N ASP I 83 23.35 -13.55 -3.57
CA ASP I 83 22.62 -13.19 -2.33
C ASP I 83 23.49 -12.47 -1.32
N ASN I 84 24.67 -12.99 -1.06
CA ASN I 84 25.58 -12.37 -0.11
C ASN I 84 26.14 -11.02 -0.56
N MET I 85 26.42 -10.88 -1.86
CA MET I 85 26.88 -9.59 -2.35
C MET I 85 25.75 -8.54 -2.24
N LEU I 86 24.53 -8.95 -2.56
CA LEU I 86 23.38 -8.06 -2.37
C LEU I 86 23.26 -7.61 -0.90
N ALA I 87 23.30 -8.56 0.03
CA ALA I 87 23.10 -8.23 1.45
C ALA I 87 24.16 -7.25 1.88
N THR I 88 25.38 -7.52 1.44
CA THR I 88 26.56 -6.73 1.77
C THR I 88 26.45 -5.33 1.25
N ALA I 89 26.10 -5.19 -0.03
CA ALA I 89 25.92 -3.88 -0.63
C ALA I 89 24.79 -3.14 0.07
N ARG I 90 23.69 -3.82 0.33
CA ARG I 90 22.55 -3.14 0.96
C ARG I 90 22.92 -2.62 2.34
N TYR I 91 23.75 -3.38 3.05
CA TYR I 91 24.18 -2.96 4.37
C TYR I 91 25.01 -1.67 4.30
N TYR I 92 25.93 -1.58 3.34
CA TYR I 92 26.74 -0.36 3.19
C TYR I 92 25.92 0.81 2.65
N TYR I 93 24.85 0.52 1.91
CA TYR I 93 23.96 1.60 1.49
C TYR I 93 23.30 2.18 2.74
N ALA I 94 22.92 1.29 3.65
CA ALA I 94 22.29 1.69 4.92
C ALA I 94 23.18 2.61 5.73
N THR I 95 24.47 2.27 5.85
CA THR I 95 25.35 3.03 6.72
C THR I 95 25.99 4.21 6.02
N GLY I 96 26.01 4.16 4.69
CA GLY I 96 26.67 5.22 3.93
C GLY I 96 28.18 5.31 4.14
N GLU I 97 28.78 4.27 4.74
CA GLU I 97 30.18 4.35 5.13
C GLU I 97 31.13 4.28 3.93
N ASP I 98 32.40 4.61 4.17
CA ASP I 98 33.46 4.53 3.16
C ASP I 98 33.79 3.09 2.80
N VAL I 99 33.82 2.80 1.51
CA VAL I 99 34.21 1.47 1.05
C VAL I 99 35.15 1.51 -0.15
N ARG I 100 35.68 0.35 -0.51
CA ARG I 100 36.37 0.18 -1.77
C ARG I 100 35.55 -0.84 -2.52
N ILE I 101 35.26 -0.55 -3.79
CA ILE I 101 34.56 -1.47 -4.66
C ILE I 101 35.58 -2.03 -5.65
N TYR I 102 35.65 -3.35 -5.77
CA TYR I 102 36.46 -3.96 -6.83
C TYR I 102 35.49 -4.38 -7.91
N TYR I 103 35.79 -4.01 -9.15
CA TYR I 103 34.89 -4.29 -10.26
C TYR I 103 35.65 -4.67 -11.52
N LYS I 104 34.93 -5.15 -12.52
CA LYS I 104 35.52 -5.53 -13.79
C LYS I 104 34.76 -4.79 -14.90
N GLU I 105 35.47 -3.98 -15.68
CA GLU I 105 34.87 -3.19 -16.75
C GLU I 105 34.46 -4.04 -17.94
N ASN I 106 33.54 -3.53 -18.74
CA ASN I 106 33.25 -4.11 -20.04
C ASN I 106 32.86 -5.59 -19.97
N VAL I 107 32.07 -5.95 -18.98
CA VAL I 107 31.57 -7.31 -18.90
C VAL I 107 30.21 -7.48 -19.59
N TRP I 108 29.23 -6.66 -19.20
CA TRP I 108 27.88 -6.84 -19.71
C TRP I 108 27.79 -6.41 -21.18
N THR I 109 27.18 -7.26 -22.01
CA THR I 109 27.10 -6.99 -23.43
C THR I 109 25.67 -6.68 -23.87
N ASP I 110 24.72 -6.80 -22.96
CA ASP I 110 23.32 -6.42 -23.26
C ASP I 110 23.27 -4.90 -23.26
N ARG I 111 23.25 -4.31 -24.46
CA ARG I 111 23.39 -2.87 -24.57
C ARG I 111 22.19 -2.08 -24.04
N ASN I 112 21.02 -2.70 -24.02
CA ASN I 112 19.90 -2.08 -23.31
C ASN I 112 20.21 -2.04 -21.83
N PHE I 113 20.86 -3.08 -21.31
CA PHE I 113 21.18 -3.10 -19.90
C PHE I 113 22.26 -2.09 -19.60
N THR I 114 23.26 -2.00 -20.46
CA THR I 114 24.39 -1.11 -20.17
C THR I 114 24.05 0.37 -20.30
N ALA I 115 23.14 0.72 -21.20
CA ALA I 115 22.65 2.10 -21.28
C ALA I 115 21.83 2.46 -20.02
N ALA I 116 21.03 1.52 -19.55
CA ALA I 116 20.25 1.71 -18.33
C ALA I 116 21.14 1.78 -17.08
N PHE I 117 22.13 0.90 -17.03
CA PHE I 117 22.99 0.81 -15.85
C PHE I 117 24.46 0.99 -16.19
N SER I 118 25.17 -0.11 -16.43
CA SER I 118 26.55 -0.02 -16.87
C SER I 118 27.01 -1.38 -17.39
N GLY I 119 28.25 -1.47 -17.88
CA GLY I 119 28.83 -2.74 -18.27
C GLY I 119 29.73 -3.33 -17.19
N ASN I 120 29.77 -2.68 -16.02
CA ASN I 120 30.69 -3.07 -14.97
C ASN I 120 30.18 -4.19 -14.07
N GLU I 121 31.02 -5.19 -13.83
CA GLU I 121 30.69 -6.26 -12.88
C GLU I 121 31.32 -6.03 -11.51
N LEU I 122 30.48 -6.14 -10.47
CA LEU I 122 30.89 -6.05 -9.09
C LEU I 122 31.66 -7.32 -8.66
N ILE I 123 32.85 -7.11 -8.10
CA ILE I 123 33.71 -8.24 -7.75
C ILE I 123 33.82 -8.41 -6.24
N ALA I 124 33.91 -7.30 -5.51
CA ALA I 124 34.13 -7.36 -4.07
C ALA I 124 33.92 -6.01 -3.43
N ILE I 125 33.53 -6.01 -2.16
CA ILE I 125 33.33 -4.77 -1.42
C ILE I 125 34.07 -4.88 -0.09
N THR I 126 34.86 -3.87 0.24
CA THR I 126 35.60 -3.88 1.48
C THR I 126 35.47 -2.52 2.13
N THR I 127 35.72 -2.48 3.43
CA THR I 127 35.52 -1.27 4.20
C THR I 127 36.83 -0.51 4.28
N CYS I 128 36.73 0.75 4.71
CA CYS I 128 37.87 1.63 4.84
C CYS I 128 37.92 2.20 6.25
N THR I 129 39.10 2.24 6.86
CA THR I 129 39.23 2.90 8.17
C THR I 129 39.80 4.33 8.07
N SER I 130 40.30 4.71 6.89
CA SER I 130 40.63 6.10 6.64
C SER I 130 40.79 6.37 5.14
N SER I 131 41.15 7.60 4.81
CA SER I 131 41.31 8.02 3.43
C SER I 131 42.47 7.31 2.72
N ASP I 132 43.46 6.83 3.49
CA ASP I 132 44.56 6.09 2.89
C ASP I 132 44.69 4.65 3.39
N TYR I 133 43.57 4.04 3.76
CA TYR I 133 43.53 2.59 3.95
C TYR I 133 42.13 2.02 3.79
N CYS I 134 41.99 1.13 2.83
CA CYS I 134 40.83 0.26 2.73
C CYS I 134 41.36 -1.16 2.74
N MET I 135 40.58 -2.10 3.27
CA MET I 135 41.01 -3.50 3.31
C MET I 135 41.11 -4.05 1.90
N GLY I 136 42.01 -5.01 1.70
CA GLY I 136 42.18 -5.65 0.39
C GLY I 136 43.41 -5.20 -0.38
N PRO I 137 43.76 -5.93 -1.44
CA PRO I 137 44.94 -5.63 -2.26
C PRO I 137 44.84 -4.33 -3.06
N THR I 138 45.98 -3.67 -3.26
CA THR I 138 46.04 -2.49 -4.10
C THR I 138 47.19 -2.65 -5.10
N LEU I 139 47.16 -1.85 -6.17
CA LEU I 139 48.23 -1.85 -7.15
C LEU I 139 49.46 -1.13 -6.60
N ASN J 22 40.14 -30.04 25.39
CA ASN J 22 40.16 -28.92 24.45
C ASN J 22 39.79 -29.37 23.04
N MET J 23 38.98 -28.56 22.37
CA MET J 23 38.40 -28.93 21.10
C MET J 23 39.38 -28.83 19.93
N ALA J 24 39.33 -29.79 19.03
CA ALA J 24 40.22 -29.74 17.88
C ALA J 24 40.04 -28.44 17.09
N ASP J 25 41.16 -27.81 16.74
CA ASP J 25 41.19 -26.61 15.93
C ASP J 25 40.82 -25.35 16.72
N TYR J 26 40.64 -25.49 18.02
CA TYR J 26 40.26 -24.35 18.84
C TYR J 26 41.41 -23.87 19.72
N ASN J 27 42.61 -24.28 19.36
N ASN J 27 42.62 -24.28 19.39
CA ASN J 27 43.81 -24.03 20.16
CA ASN J 27 43.75 -23.96 20.24
C ASN J 27 44.44 -22.67 19.85
C ASN J 27 44.51 -22.70 19.81
N THR J 28 44.02 -22.06 18.76
CA THR J 28 44.57 -20.78 18.34
C THR J 28 43.48 -19.75 18.20
N TYR J 29 43.67 -18.59 18.83
CA TYR J 29 42.63 -17.57 18.90
C TYR J 29 43.18 -16.25 19.42
N GLN J 30 42.43 -15.18 19.19
CA GLN J 30 42.76 -13.85 19.72
C GLN J 30 41.60 -13.29 20.56
N SER J 31 41.91 -12.86 21.78
CA SER J 31 40.88 -12.41 22.71
C SER J 31 40.76 -10.90 22.81
N ASN J 32 39.54 -10.42 23.07
CA ASN J 32 39.29 -8.99 23.22
C ASN J 32 39.77 -8.19 22.01
N VAL J 33 39.44 -8.68 20.83
CA VAL J 33 39.68 -7.94 19.61
C VAL J 33 38.35 -7.37 19.12
N GLN J 34 38.42 -6.35 18.28
CA GLN J 34 37.23 -5.86 17.63
C GLN J 34 37.41 -6.03 16.13
N ILE J 35 36.31 -6.29 15.45
CA ILE J 35 36.34 -6.41 14.00
C ILE J 35 36.14 -5.02 13.41
N ASN J 36 37.21 -4.45 12.87
CA ASN J 36 37.13 -3.05 12.41
C ASN J 36 37.20 -2.87 10.89
N ASN J 37 37.09 -3.97 10.15
CA ASN J 37 37.05 -3.94 8.70
C ASN J 37 36.55 -5.28 8.23
N LEU J 38 35.94 -5.31 7.05
CA LEU J 38 35.32 -6.52 6.53
C LEU J 38 35.56 -6.53 5.03
N SER J 39 35.85 -7.72 4.50
CA SER J 39 35.93 -7.91 3.05
C SER J 39 35.00 -9.04 2.65
N TYR J 40 34.28 -8.82 1.57
CA TYR J 40 33.51 -9.88 0.97
C TYR J 40 33.71 -9.75 -0.53
N GLY J 41 33.84 -10.90 -1.20
CA GLY J 41 34.14 -10.92 -2.61
C GLY J 41 33.94 -12.28 -3.24
N VAL J 42 33.98 -12.30 -4.55
CA VAL J 42 33.89 -13.54 -5.30
C VAL J 42 35.18 -13.66 -6.10
N TYR J 43 35.52 -14.87 -6.51
CA TYR J 43 36.90 -15.12 -6.92
C TYR J 43 37.11 -16.56 -7.34
N ARG J 44 37.81 -16.74 -8.45
CA ARG J 44 38.13 -18.07 -8.94
C ARG J 44 39.45 -18.49 -8.32
N SER J 45 39.45 -19.64 -7.67
CA SER J 45 40.68 -20.19 -7.07
C SER J 45 40.72 -21.70 -7.28
N GLY J 46 41.86 -22.24 -7.66
CA GLY J 46 41.98 -23.67 -7.89
C GLY J 46 40.99 -24.20 -8.92
N ASP J 47 40.62 -23.35 -9.86
CA ASP J 47 39.61 -23.72 -10.84
C ASP J 47 38.25 -24.03 -10.22
N LYS J 48 37.97 -23.41 -9.07
CA LYS J 48 36.65 -23.46 -8.50
C LYS J 48 36.21 -22.04 -8.28
N GLU J 49 34.97 -21.74 -8.62
CA GLU J 49 34.41 -20.42 -8.34
C GLU J 49 34.02 -20.34 -6.88
N SER J 50 34.55 -19.34 -6.17
CA SER J 50 34.38 -19.29 -4.71
C SER J 50 33.87 -17.94 -4.21
N GLN J 51 33.34 -17.94 -2.98
CA GLN J 51 33.10 -16.72 -2.25
C GLN J 51 34.03 -16.73 -1.05
N PHE J 52 34.47 -15.55 -0.66
CA PHE J 52 35.25 -15.42 0.55
C PHE J 52 34.84 -14.16 1.30
N PHE J 53 35.07 -14.18 2.60
CA PHE J 53 35.10 -12.96 3.38
C PHE J 53 36.28 -13.01 4.35
N CYS J 54 36.76 -11.84 4.74
CA CYS J 54 37.84 -11.72 5.71
C CYS J 54 37.42 -10.64 6.70
N VAL J 55 37.70 -10.86 7.99
CA VAL J 55 37.64 -9.83 9.00
C VAL J 55 39.02 -9.24 9.19
N GLY J 56 39.09 -7.92 9.36
CA GLY J 56 40.32 -7.28 9.80
C GLY J 56 40.14 -6.91 11.27
N LEU J 57 41.16 -7.17 12.09
CA LEU J 57 41.02 -7.00 13.52
C LEU J 57 41.75 -5.78 14.05
N LYS J 58 41.24 -5.21 15.14
CA LYS J 58 41.98 -4.22 15.90
C LYS J 58 41.85 -4.63 17.35
N ARG J 59 42.67 -4.03 18.21
CA ARG J 59 42.56 -4.24 19.63
C ARG J 59 42.74 -2.87 20.25
N GLY J 60 41.62 -2.15 20.40
CA GLY J 60 41.67 -0.76 20.79
C GLY J 60 42.42 0.03 19.73
N SER J 61 43.63 0.48 20.08
CA SER J 61 44.43 1.26 19.14
C SER J 61 45.52 0.45 18.48
N GLN J 62 45.70 -0.78 18.95
N GLN J 62 45.72 -0.77 18.94
CA GLN J 62 46.78 -1.64 18.44
CA GLN J 62 46.80 -1.61 18.44
C GLN J 62 46.26 -2.61 17.40
C GLN J 62 46.28 -2.70 17.51
N VAL J 63 47.18 -3.34 16.77
CA VAL J 63 46.84 -4.40 15.81
C VAL J 63 47.37 -5.76 16.29
N PRO J 64 46.48 -6.76 16.39
CA PRO J 64 46.85 -8.07 16.94
C PRO J 64 47.76 -8.87 16.02
N ASN J 65 48.44 -9.91 16.55
CA ASN J 65 49.36 -10.71 15.74
C ASN J 65 48.71 -11.07 14.40
N VAL J 66 47.87 -12.09 14.42
CA VAL J 66 46.95 -12.37 13.34
C VAL J 66 45.91 -11.25 13.31
N HIS J 67 45.84 -10.51 12.20
CA HIS J 67 44.88 -9.40 12.10
C HIS J 67 43.97 -9.48 10.87
N THR J 68 44.08 -10.57 10.11
CA THR J 68 43.26 -10.82 8.94
C THR J 68 42.93 -12.31 8.86
N ILE J 69 41.66 -12.63 9.02
CA ILE J 69 41.20 -14.02 9.09
C ILE J 69 40.05 -14.17 8.11
N CYS J 70 40.02 -15.31 7.41
CA CYS J 70 39.14 -15.49 6.26
C CYS J 70 38.40 -16.82 6.29
N LYS J 71 37.24 -16.83 5.65
CA LYS J 71 36.49 -18.06 5.41
C LYS J 71 36.10 -18.06 3.94
N ILE J 72 36.20 -19.23 3.31
CA ILE J 72 35.94 -19.40 1.87
C ILE J 72 34.90 -20.52 1.72
N ASP J 73 33.89 -20.33 0.88
CA ASP J 73 32.77 -21.27 0.85
C ASP J 73 33.12 -22.69 0.39
N VAL J 74 33.97 -22.80 -0.62
CA VAL J 74 34.26 -24.12 -1.19
C VAL J 74 35.68 -24.64 -0.93
N PHE J 75 36.35 -24.05 0.05
CA PHE J 75 37.70 -24.46 0.44
C PHE J 75 37.87 -24.35 1.94
N GLY J 76 38.80 -25.12 2.50
CA GLY J 76 39.15 -24.99 3.90
C GLY J 76 39.00 -26.28 4.66
N THR J 77 39.46 -26.29 5.91
CA THR J 77 39.36 -27.48 6.75
C THR J 77 37.92 -27.70 7.22
N HIS J 78 37.14 -26.62 7.30
CA HIS J 78 35.71 -26.75 7.58
C HIS J 78 34.92 -25.86 6.60
N LYS J 79 34.36 -26.46 5.54
CA LYS J 79 33.67 -25.68 4.51
C LYS J 79 32.29 -25.23 4.95
N GLN J 80 31.71 -25.96 5.91
CA GLN J 80 30.35 -25.66 6.38
C GLN J 80 30.24 -24.27 7.00
N GLY J 81 29.02 -23.74 7.00
CA GLY J 81 28.70 -22.56 7.77
C GLY J 81 29.18 -21.23 7.21
N PHE J 82 29.47 -21.19 5.92
CA PHE J 82 29.91 -19.94 5.31
C PHE J 82 28.91 -18.80 5.56
N ASP J 83 27.63 -19.02 5.27
CA ASP J 83 26.66 -17.92 5.38
C ASP J 83 26.46 -17.46 6.82
N ASN J 84 26.42 -18.42 7.74
CA ASN J 84 26.26 -18.11 9.16
C ASN J 84 27.43 -17.35 9.77
N MET J 85 28.64 -17.67 9.32
CA MET J 85 29.84 -17.00 9.84
C MET J 85 29.87 -15.57 9.34
N LEU J 86 29.55 -15.39 8.05
CA LEU J 86 29.49 -14.05 7.47
C LEU J 86 28.48 -13.18 8.23
N ALA J 87 27.27 -13.70 8.43
CA ALA J 87 26.25 -12.96 9.19
C ALA J 87 26.81 -12.56 10.54
N THR J 88 27.39 -13.54 11.23
CA THR J 88 27.97 -13.35 12.54
C THR J 88 29.04 -12.27 12.49
N ALA J 89 30.01 -12.41 11.60
CA ALA J 89 31.07 -11.41 11.51
C ALA J 89 30.53 -10.02 11.16
N ARG J 90 29.55 -9.96 10.26
CA ARG J 90 28.97 -8.66 9.92
C ARG J 90 28.26 -8.04 11.13
N TYR J 91 27.54 -8.85 11.91
CA TYR J 91 26.99 -8.34 13.15
C TYR J 91 28.04 -7.70 14.07
N TYR J 92 29.12 -8.43 14.38
CA TYR J 92 30.17 -7.88 15.23
C TYR J 92 30.90 -6.68 14.63
N TYR J 93 31.06 -6.68 13.30
CA TYR J 93 31.60 -5.51 12.61
C TYR J 93 30.72 -4.29 12.86
N ALA J 94 29.41 -4.50 12.91
CA ALA J 94 28.46 -3.41 13.08
C ALA J 94 28.39 -2.90 14.52
N THR J 95 28.55 -3.79 15.51
CA THR J 95 28.54 -3.35 16.90
C THR J 95 29.92 -2.87 17.33
N GLY J 96 30.97 -3.41 16.70
CA GLY J 96 32.34 -3.13 17.10
C GLY J 96 32.67 -3.61 18.51
N GLU J 97 31.91 -4.59 19.00
CA GLU J 97 32.10 -5.05 20.37
C GLU J 97 33.29 -5.99 20.52
N ASP J 98 33.68 -6.26 21.75
CA ASP J 98 34.80 -7.13 22.10
C ASP J 98 34.47 -8.60 21.83
N VAL J 99 35.30 -9.26 21.02
CA VAL J 99 35.07 -10.67 20.72
C VAL J 99 36.37 -11.46 20.77
N ARG J 100 36.24 -12.78 20.68
CA ARG J 100 37.36 -13.67 20.55
C ARG J 100 37.24 -14.41 19.23
N ILE J 101 38.31 -14.37 18.44
CA ILE J 101 38.32 -15.02 17.15
C ILE J 101 39.17 -16.28 17.25
N TYR J 102 38.60 -17.42 16.91
CA TYR J 102 39.37 -18.65 16.79
C TYR J 102 39.70 -18.83 15.32
N TYR J 103 40.95 -19.21 15.03
CA TYR J 103 41.37 -19.41 13.65
C TYR J 103 42.37 -20.55 13.55
N LYS J 104 42.60 -20.99 12.32
CA LYS J 104 43.55 -22.04 12.03
C LYS J 104 44.55 -21.46 11.02
N GLU J 105 45.82 -21.50 11.38
CA GLU J 105 46.86 -20.85 10.58
C GLU J 105 47.33 -21.69 9.39
N ASN J 106 47.93 -21.03 8.40
CA ASN J 106 48.47 -21.73 7.23
C ASN J 106 47.53 -22.73 6.59
N VAL J 107 46.31 -22.30 6.28
CA VAL J 107 45.38 -23.19 5.60
C VAL J 107 45.33 -22.97 4.09
N TRP J 108 45.23 -21.71 3.66
CA TRP J 108 45.04 -21.43 2.22
C TRP J 108 46.36 -21.60 1.46
N THR J 109 46.28 -22.35 0.36
CA THR J 109 47.48 -22.61 -0.45
C THR J 109 47.56 -21.73 -1.69
N ASP J 110 46.47 -21.05 -2.02
CA ASP J 110 46.47 -20.05 -3.09
C ASP J 110 47.29 -18.84 -2.65
N ARG J 111 48.48 -18.72 -3.21
CA ARG J 111 49.42 -17.69 -2.81
C ARG J 111 49.07 -16.28 -3.27
N ASN J 112 48.18 -16.16 -4.26
CA ASN J 112 47.67 -14.85 -4.60
C ASN J 112 46.69 -14.41 -3.51
N PHE J 113 45.78 -15.29 -3.13
CA PHE J 113 44.89 -15.02 -2.01
C PHE J 113 45.62 -14.64 -0.72
N THR J 114 46.65 -15.41 -0.33
CA THR J 114 47.26 -15.20 0.98
C THR J 114 48.08 -13.91 1.02
N ALA J 115 48.70 -13.55 -0.10
CA ALA J 115 49.42 -12.28 -0.17
C ALA J 115 48.44 -11.12 -0.13
N ALA J 116 47.26 -11.32 -0.67
CA ALA J 116 46.29 -10.23 -0.71
C ALA J 116 45.62 -10.06 0.64
N PHE J 117 45.34 -11.20 1.28
CA PHE J 117 44.64 -11.22 2.54
C PHE J 117 45.43 -11.96 3.63
N SER J 118 45.20 -13.26 3.78
CA SER J 118 46.01 -14.05 4.69
C SER J 118 45.84 -15.55 4.46
N GLY J 119 46.67 -16.36 5.14
CA GLY J 119 46.52 -17.80 5.14
C GLY J 119 45.59 -18.33 6.23
N ASN J 120 45.08 -17.43 7.07
CA ASN J 120 44.27 -17.83 8.23
C ASN J 120 42.80 -18.18 7.93
N GLU J 121 42.36 -19.36 8.36
CA GLU J 121 40.96 -19.77 8.24
C GLU J 121 40.19 -19.48 9.52
N LEU J 122 39.06 -18.80 9.37
CA LEU J 122 38.17 -18.47 10.49
C LEU J 122 37.42 -19.71 10.98
N ILE J 123 37.46 -19.93 12.29
CA ILE J 123 36.88 -21.13 12.91
C ILE J 123 35.66 -20.80 13.77
N ALA J 124 35.73 -19.72 14.54
CA ALA J 124 34.66 -19.38 15.47
C ALA J 124 34.79 -17.94 15.91
N ILE J 125 33.66 -17.33 16.27
CA ILE J 125 33.66 -16.02 16.91
C ILE J 125 32.77 -16.12 18.15
N THR J 126 33.29 -15.67 19.29
CA THR J 126 32.53 -15.62 20.54
C THR J 126 32.60 -14.21 21.17
N THR J 127 31.66 -13.92 22.06
CA THR J 127 31.61 -12.60 22.69
C THR J 127 32.43 -12.58 23.99
N CYS J 128 32.87 -11.38 24.41
CA CYS J 128 33.66 -11.20 25.63
C CYS J 128 32.94 -10.28 26.59
N THR J 129 33.02 -10.57 27.89
CA THR J 129 32.49 -9.66 28.89
C THR J 129 33.58 -8.82 29.53
N SER J 130 34.78 -9.39 29.70
CA SER J 130 35.90 -8.62 30.22
C SER J 130 37.27 -9.10 29.73
N SER J 131 38.31 -8.43 30.20
CA SER J 131 39.67 -8.76 29.81
C SER J 131 39.95 -10.23 30.05
N ASP J 132 40.05 -10.98 28.96
CA ASP J 132 40.37 -12.40 29.02
C ASP J 132 39.24 -13.33 29.48
N TYR J 133 38.01 -12.82 29.61
CA TYR J 133 36.87 -13.74 29.64
C TYR J 133 35.95 -13.58 28.44
N CYS J 134 35.93 -14.60 27.59
CA CYS J 134 35.04 -14.69 26.46
C CYS J 134 34.53 -16.12 26.49
N MET J 135 33.43 -16.41 25.80
CA MET J 135 32.96 -17.79 25.71
C MET J 135 33.96 -18.68 24.96
N GLY J 136 33.90 -19.97 25.26
CA GLY J 136 34.61 -20.97 24.48
C GLY J 136 35.80 -21.59 25.17
N PRO J 137 36.38 -22.63 24.56
CA PRO J 137 37.59 -23.29 25.08
C PRO J 137 38.73 -22.32 25.24
N THR J 138 39.34 -22.32 26.42
CA THR J 138 40.52 -21.50 26.64
C THR J 138 41.72 -22.39 26.83
N LEU J 139 42.88 -21.95 26.34
CA LEU J 139 44.08 -22.77 26.43
C LEU J 139 44.50 -22.98 27.87
N PRO J 140 44.59 -24.26 28.28
CA PRO J 140 45.02 -24.57 29.64
C PRO J 140 46.46 -24.10 29.83
N ASN J 141 46.73 -23.37 30.91
CA ASN J 141 48.09 -22.91 31.20
C ASN J 141 49.03 -24.06 31.59
N LEU J 142 49.82 -23.88 32.66
CA LEU J 142 50.81 -24.89 33.03
C LEU J 142 50.69 -25.47 34.44
N GLU J 143 50.84 -26.79 34.52
CA GLU J 143 50.69 -27.54 35.78
C GLU J 143 52.03 -27.84 36.46
N HIS J 144 52.21 -27.27 37.65
CA HIS J 144 53.42 -27.48 38.46
C HIS J 144 53.68 -26.26 39.35
#